data_5V1W
#
_entry.id   5V1W
#
_cell.length_a   65.547
_cell.length_b   93.854
_cell.length_c   159.204
_cell.angle_alpha   90.000
_cell.angle_beta   90.000
_cell.angle_gamma   90.000
#
_symmetry.space_group_name_H-M   'P 21 21 21'
#
loop_
_entity.id
_entity.type
_entity.pdbx_description
1 polymer 'Glycoside Hydrolase'
2 branched beta-D-glucopyranose-(1-3)-beta-D-glucopyranose
3 non-polymer 'PHOSPHATE ION'
4 non-polymer 1,2-ETHANEDIOL
5 water water
#
_entity_poly.entity_id   1
_entity_poly.type   'polypeptide(L)'
_entity_poly.pdbx_seq_one_letter_code
;MHAVSVGKGSYATEFPEIDFGGINDPGFRDQQGEPPATIYRSDRVTGPMQTNSWWGSLAVDRFSMNQYPHPFSVRHRAEG
LHVFYDAPHNMVVHENREAGTWHIHGAIGTDFTIKHSGTANFEQAVVDDYNDWYVRGLLENGAHQMAITYGVGSPYIFVE
YEDGSAVLDFDIAPDVWEMNGHVIGFSTHDHKHYAAFAPPGQNWSGIGSKTLTNNADYIAIAKLPEKDGNMLAKFEQYAY
SVVRDAVADWTYDEATGTVTTTFEVTTEAKVQGAPDGTIFALYPHQYRHLASSSENQLLQNYQYEIIRGTMIGLEGKRFT
TELTYPGVLPSLPDLGDYDRERLIGYLHDATSDYPTGSDTYELGKYIGKLATLAPIADQMGEYELAEQFRGELKDILEDW
LQATNASGQLKGKNLFYYNENWGTILGYHAAHSSATRINDHHFHYGYFVKAAAEIARADQEWAKSENWGGMIDLLIRDFM
ADRDDDLFPYLRMFDPYSGNSWADGLATFDAGNNQESSSEAMHAWTNVILWAEATGNKALRDRAIYLYTTEMSAINEYFF
DVHQEIFPEEYGPEIVTINWGGKMDHATWWNSGKVEKYAINWLPFHGGSLYLGHHPDYVDRAYEELRRDIGSTDWNLWSN
LVWMYRAFTNPDDALQQMEASIDDYGLFDPGNEKIIERGSTKAQTYHWIHNLAELGRVDPTVTANHPIYAVFNKNGNRTY
IVYNFSDSPITVQFSDGHSIQVEPHSFNIGNG
;
_entity_poly.pdbx_strand_id   A
#
loop_
_chem_comp.id
_chem_comp.type
_chem_comp.name
_chem_comp.formula
BGC D-saccharide, beta linking beta-D-glucopyranose 'C6 H12 O6'
EDO non-polymer 1,2-ETHANEDIOL 'C2 H6 O2'
PO4 non-polymer 'PHOSPHATE ION' 'O4 P -3'
#
# COMPACT_ATOMS: atom_id res chain seq x y z
N MET A 1 10.48 32.98 -13.18
CA MET A 1 10.36 32.23 -11.90
C MET A 1 10.82 30.77 -12.03
N HIS A 2 11.18 30.20 -10.88
CA HIS A 2 11.46 28.78 -10.73
C HIS A 2 10.25 28.12 -10.02
N ALA A 3 9.05 28.53 -10.44
CA ALA A 3 7.82 28.09 -9.79
C ALA A 3 6.69 28.02 -10.80
N VAL A 4 5.78 27.07 -10.62
CA VAL A 4 4.59 26.98 -11.46
C VAL A 4 3.35 27.26 -10.63
N SER A 5 2.60 28.27 -11.08
CA SER A 5 1.39 28.73 -10.44
C SER A 5 0.26 27.70 -10.63
N VAL A 6 -0.40 27.32 -9.54
CA VAL A 6 -1.55 26.39 -9.58
C VAL A 6 -2.66 26.97 -8.67
N GLY A 7 -3.71 27.49 -9.31
CA GLY A 7 -4.68 28.33 -8.62
C GLY A 7 -3.95 29.42 -7.86
N LYS A 8 -4.27 29.58 -6.57
CA LYS A 8 -3.60 30.57 -5.71
C LYS A 8 -2.24 30.09 -5.20
N GLY A 9 -1.93 28.81 -5.40
CA GLY A 9 -0.68 28.21 -4.91
C GLY A 9 0.36 28.05 -6.02
N SER A 10 1.42 27.32 -5.70
CA SER A 10 2.51 27.06 -6.63
C SER A 10 3.43 25.96 -6.11
N TYR A 11 4.14 25.34 -7.05
CA TYR A 11 5.23 24.42 -6.70
C TYR A 11 6.54 24.85 -7.35
N ALA A 12 7.66 24.54 -6.70
CA ALA A 12 8.98 24.84 -7.24
C ALA A 12 9.33 23.91 -8.40
N THR A 13 10.06 24.45 -9.37
CA THR A 13 10.57 23.67 -10.50
C THR A 13 12.10 23.59 -10.46
N GLU A 14 12.72 24.40 -9.61
CA GLU A 14 14.13 24.24 -9.28
C GLU A 14 14.26 23.85 -7.80
N PHE A 15 15.26 23.03 -7.50
CA PHE A 15 15.55 22.63 -6.13
C PHE A 15 15.85 23.86 -5.26
N PRO A 16 15.04 24.05 -4.20
CA PRO A 16 15.22 25.25 -3.36
C PRO A 16 16.55 25.25 -2.63
N GLU A 17 17.02 26.45 -2.27
CA GLU A 17 18.08 26.54 -1.30
C GLU A 17 17.41 26.32 0.06
N ILE A 18 17.71 25.19 0.67
CA ILE A 18 17.06 24.77 1.92
C ILE A 18 17.44 25.70 3.08
N ASP A 19 16.44 26.05 3.85
CA ASP A 19 16.62 26.65 5.15
C ASP A 19 16.73 25.53 6.17
N PHE A 20 17.96 25.24 6.61
CA PHE A 20 18.19 24.18 7.59
C PHE A 20 17.84 24.59 9.02
N GLY A 21 17.53 25.88 9.22
CA GLY A 21 17.07 26.44 10.50
C GLY A 21 18.05 26.26 11.64
N GLY A 22 19.35 26.29 11.29
CA GLY A 22 20.45 26.09 12.24
C GLY A 22 20.66 24.68 12.76
N ILE A 23 19.87 23.72 12.26
CA ILE A 23 20.02 22.31 12.64
C ILE A 23 21.24 21.74 11.90
N ASN A 24 22.18 21.20 12.69
CA ASN A 24 23.44 20.65 12.15
C ASN A 24 23.45 19.14 12.04
N ASP A 25 22.58 18.46 12.80
CA ASP A 25 22.36 17.02 12.70
C ASP A 25 22.52 16.52 11.24
N PRO A 26 23.54 15.66 10.97
CA PRO A 26 23.77 15.20 9.59
C PRO A 26 22.56 14.49 8.97
N GLY A 27 21.84 13.73 9.79
CA GLY A 27 20.62 13.01 9.36
C GLY A 27 19.56 13.94 8.79
N PHE A 28 19.17 14.93 9.59
CA PHE A 28 18.15 15.91 9.18
C PHE A 28 18.51 16.62 7.88
N ARG A 29 19.78 17.02 7.76
CA ARG A 29 20.27 17.74 6.59
C ARG A 29 20.26 16.86 5.33
N ASP A 30 20.75 15.62 5.44
CA ASP A 30 20.74 14.64 4.33
C ASP A 30 19.32 14.39 3.82
N GLN A 31 18.35 14.47 4.72
CA GLN A 31 16.93 14.33 4.37
C GLN A 31 16.46 15.39 3.37
N GLN A 32 17.10 16.56 3.40
CA GLN A 32 16.67 17.71 2.61
C GLN A 32 17.32 17.69 1.23
N GLY A 33 17.15 16.56 0.54
CA GLY A 33 17.82 16.27 -0.72
C GLY A 33 16.85 15.81 -1.79
N GLU A 34 17.39 15.17 -2.82
CA GLU A 34 16.62 14.70 -3.96
C GLU A 34 16.88 13.21 -4.19
N PRO A 35 15.96 12.52 -4.91
CA PRO A 35 16.13 11.09 -5.24
C PRO A 35 17.30 10.88 -6.21
N PRO A 36 17.75 9.62 -6.42
CA PRO A 36 18.97 9.44 -7.23
C PRO A 36 18.90 10.05 -8.63
N ALA A 37 20.03 10.57 -9.11
CA ALA A 37 20.14 11.12 -10.46
C ALA A 37 20.06 10.05 -11.55
N THR A 38 20.67 8.91 -11.29
CA THR A 38 20.75 7.82 -12.24
C THR A 38 19.53 6.92 -12.16
N ILE A 39 18.83 6.80 -13.28
CA ILE A 39 17.72 5.86 -13.42
C ILE A 39 18.14 4.84 -14.46
N TYR A 40 18.18 3.58 -14.06
CA TYR A 40 18.50 2.47 -14.94
C TYR A 40 17.27 2.03 -15.74
N ARG A 41 17.00 2.79 -16.78
CA ARG A 41 15.94 2.50 -17.73
C ARG A 41 16.44 2.74 -19.13
N SER A 42 15.92 2.01 -20.12
CA SER A 42 16.35 2.24 -21.50
C SER A 42 15.59 3.44 -22.08
N ASP A 43 16.00 3.84 -23.31
CA ASP A 43 15.34 4.93 -24.03
C ASP A 43 13.92 4.56 -24.53
N ARG A 44 13.50 3.33 -24.25
CA ARG A 44 12.13 2.91 -24.52
C ARG A 44 11.18 3.36 -23.40
N VAL A 45 11.74 3.61 -22.21
CA VAL A 45 10.95 4.04 -21.06
C VAL A 45 11.18 5.53 -20.85
N THR A 46 10.19 6.33 -21.25
CA THR A 46 10.26 7.78 -21.13
C THR A 46 9.07 8.29 -20.31
N GLY A 47 9.11 9.55 -19.91
CA GLY A 47 8.04 10.14 -19.11
C GLY A 47 8.35 9.96 -17.62
N PRO A 48 7.41 10.36 -16.75
CA PRO A 48 7.55 10.15 -15.31
C PRO A 48 7.81 8.69 -15.02
N MET A 49 8.87 8.45 -14.25
CA MET A 49 9.30 7.11 -13.91
C MET A 49 8.47 6.52 -12.78
N GLN A 50 8.08 5.26 -12.96
CA GLN A 50 7.35 4.50 -11.94
C GLN A 50 8.25 4.28 -10.70
N THR A 51 7.66 4.41 -9.54
CA THR A 51 8.37 4.20 -8.26
C THR A 51 7.47 3.37 -7.35
N ASN A 52 7.94 3.09 -6.13
CA ASN A 52 7.14 2.41 -5.08
C ASN A 52 6.59 1.09 -5.59
N SER A 53 7.47 0.34 -6.23
CA SER A 53 7.09 -0.87 -6.92
C SER A 53 7.82 -2.07 -6.31
N TRP A 54 7.28 -3.26 -6.55
CA TRP A 54 7.91 -4.50 -6.07
C TRP A 54 9.28 -4.69 -6.75
N TRP A 55 9.43 -4.11 -7.96
CA TRP A 55 10.60 -4.26 -8.82
C TRP A 55 11.58 -3.08 -8.86
N GLY A 56 11.33 -2.04 -8.04
CA GLY A 56 12.10 -0.81 -8.01
C GLY A 56 13.64 -0.89 -8.05
N SER A 57 14.24 -1.87 -7.37
CA SER A 57 15.72 -1.97 -7.31
C SER A 57 16.40 -2.19 -8.66
N LEU A 58 15.66 -2.72 -9.63
CA LEU A 58 16.10 -2.83 -11.01
C LEU A 58 16.37 -1.45 -11.63
N ALA A 59 15.51 -0.50 -11.27
CA ALA A 59 15.63 0.88 -11.74
C ALA A 59 16.73 1.68 -11.05
N VAL A 60 17.02 1.36 -9.79
CA VAL A 60 17.86 2.20 -8.91
C VAL A 60 19.30 1.68 -8.80
N ASP A 61 19.45 0.36 -8.62
N ASP A 61 19.47 0.38 -8.63
CA ASP A 61 20.74 -0.36 -8.61
CA ASP A 61 20.81 -0.20 -8.60
C ASP A 61 21.20 -0.57 -10.05
C ASP A 61 21.21 -0.65 -9.99
N ARG A 62 22.52 -0.66 -10.25
CA ARG A 62 23.12 -1.02 -11.56
C ARG A 62 22.51 -2.33 -12.11
N PHE A 63 22.44 -3.35 -11.27
CA PHE A 63 21.78 -4.60 -11.62
C PHE A 63 20.40 -4.62 -10.97
N SER A 64 20.24 -5.34 -9.86
CA SER A 64 19.06 -5.23 -9.00
C SER A 64 19.40 -5.80 -7.65
N MET A 65 18.52 -5.59 -6.69
CA MET A 65 18.62 -6.34 -5.45
C MET A 65 17.66 -7.54 -5.52
N ASN A 66 17.55 -8.32 -4.45
CA ASN A 66 16.64 -9.47 -4.46
C ASN A 66 15.19 -8.99 -4.60
N GLN A 67 14.44 -9.69 -5.43
CA GLN A 67 13.08 -9.30 -5.81
C GLN A 67 12.18 -10.52 -5.68
N TYR A 68 10.89 -10.30 -5.43
CA TYR A 68 9.94 -11.39 -5.20
C TYR A 68 8.75 -11.38 -6.17
N PRO A 69 9.01 -11.74 -7.45
CA PRO A 69 7.90 -12.00 -8.38
C PRO A 69 7.29 -13.38 -8.07
N HIS A 70 6.45 -13.43 -7.04
CA HIS A 70 5.88 -14.69 -6.56
C HIS A 70 5.26 -15.50 -7.70
N PRO A 71 5.54 -16.81 -7.81
CA PRO A 71 6.20 -17.62 -6.76
C PRO A 71 7.73 -17.52 -6.64
N PHE A 72 8.39 -16.85 -7.57
CA PHE A 72 9.86 -16.74 -7.55
C PHE A 72 10.39 -15.63 -6.63
N SER A 73 11.65 -15.78 -6.22
CA SER A 73 12.56 -14.64 -6.02
C SER A 73 13.64 -14.66 -7.11
N VAL A 74 14.03 -13.47 -7.56
CA VAL A 74 15.10 -13.29 -8.56
C VAL A 74 16.03 -12.13 -8.19
N ARG A 75 17.19 -12.10 -8.83
CA ARG A 75 18.07 -10.92 -8.75
C ARG A 75 18.95 -10.85 -9.99
N HIS A 76 19.13 -9.62 -10.51
CA HIS A 76 20.00 -9.37 -11.65
C HIS A 76 21.45 -9.24 -11.19
N ARG A 77 22.36 -9.80 -11.97
CA ARG A 77 23.80 -9.72 -11.68
C ARG A 77 24.52 -9.59 -13.01
N ALA A 78 25.82 -9.27 -12.96
CA ALA A 78 26.68 -9.24 -14.16
C ALA A 78 26.65 -10.58 -14.93
N GLU A 79 26.60 -11.70 -14.18
CA GLU A 79 26.59 -13.05 -14.76
C GLU A 79 25.23 -13.49 -15.37
N GLY A 80 24.15 -12.80 -15.00
CA GLY A 80 22.79 -13.13 -15.48
C GLY A 80 21.76 -13.03 -14.37
N LEU A 81 20.60 -13.69 -14.57
CA LEU A 81 19.52 -13.64 -13.58
C LEU A 81 19.51 -14.86 -12.67
N HIS A 82 19.83 -14.63 -11.39
CA HIS A 82 19.68 -15.68 -10.34
C HIS A 82 18.20 -15.94 -10.05
N VAL A 83 17.82 -17.21 -10.00
CA VAL A 83 16.43 -17.62 -9.78
C VAL A 83 16.39 -18.49 -8.53
N PHE A 84 15.40 -18.24 -7.68
CA PHE A 84 15.28 -18.96 -6.40
C PHE A 84 13.82 -19.18 -6.03
N TYR A 85 13.59 -20.23 -5.24
CA TYR A 85 12.30 -20.49 -4.62
C TYR A 85 12.52 -20.92 -3.18
N ASP A 86 11.86 -20.23 -2.24
CA ASP A 86 11.88 -20.64 -0.82
C ASP A 86 11.00 -21.87 -0.62
N ALA A 87 11.66 -23.01 -0.46
CA ALA A 87 11.00 -24.26 -0.08
C ALA A 87 10.79 -24.25 1.44
N PRO A 88 10.01 -25.21 2.00
CA PRO A 88 9.81 -25.17 3.46
C PRO A 88 11.10 -25.16 4.28
N HIS A 89 12.09 -25.94 3.85
CA HIS A 89 13.42 -25.95 4.51
C HIS A 89 14.17 -24.62 4.44
N ASN A 90 13.78 -23.73 3.52
CA ASN A 90 14.36 -22.37 3.46
C ASN A 90 13.67 -21.41 4.41
N MET A 91 12.46 -21.76 4.85
CA MET A 91 11.65 -20.85 5.66
C MET A 91 11.97 -21.01 7.14
N VAL A 92 12.08 -19.90 7.85
CA VAL A 92 12.23 -19.91 9.31
C VAL A 92 11.29 -18.90 9.99
N VAL A 93 11.01 -19.14 11.27
CA VAL A 93 10.35 -18.20 12.16
C VAL A 93 11.26 -17.95 13.38
N HIS A 94 11.79 -16.73 13.50
CA HIS A 94 12.67 -16.37 14.64
C HIS A 94 12.05 -15.32 15.53
N GLU A 95 12.33 -15.44 16.83
CA GLU A 95 11.91 -14.47 17.82
C GLU A 95 13.12 -13.91 18.57
N ASN A 96 13.15 -12.60 18.76
CA ASN A 96 14.07 -11.95 19.67
C ASN A 96 13.21 -11.43 20.81
N ARG A 97 13.28 -12.15 21.94
CA ARG A 97 12.42 -11.90 23.10
C ARG A 97 12.63 -10.51 23.68
N GLU A 98 13.90 -10.12 23.84
CA GLU A 98 14.26 -8.83 24.45
C GLU A 98 13.85 -7.68 23.56
N ALA A 99 14.02 -7.82 22.25
CA ALA A 99 13.60 -6.80 21.30
C ALA A 99 12.08 -6.80 21.12
N GLY A 100 11.44 -7.90 21.52
CA GLY A 100 10.01 -8.12 21.27
C GLY A 100 9.69 -8.22 19.78
N THR A 101 10.63 -8.76 19.00
CA THR A 101 10.47 -8.87 17.55
C THR A 101 10.36 -10.32 17.09
N TRP A 102 9.65 -10.49 15.97
CA TRP A 102 9.56 -11.78 15.30
C TRP A 102 9.83 -11.55 13.81
N HIS A 103 10.47 -12.53 13.19
CA HIS A 103 10.76 -12.50 11.77
C HIS A 103 10.39 -13.82 11.10
N ILE A 104 9.55 -13.75 10.07
CA ILE A 104 9.27 -14.87 9.19
C ILE A 104 10.03 -14.57 7.89
N HIS A 105 11.04 -15.37 7.58
CA HIS A 105 11.79 -15.14 6.35
C HIS A 105 12.33 -16.40 5.70
N GLY A 106 12.75 -16.23 4.44
CA GLY A 106 13.38 -17.29 3.66
C GLY A 106 14.86 -17.01 3.51
N ALA A 107 15.41 -17.51 2.40
CA ALA A 107 16.84 -17.43 2.15
C ALA A 107 17.09 -16.63 0.88
N ILE A 108 18.30 -16.09 0.75
CA ILE A 108 18.75 -15.38 -0.43
C ILE A 108 19.69 -16.35 -1.17
N GLY A 109 19.12 -17.44 -1.68
CA GLY A 109 19.93 -18.45 -2.38
C GLY A 109 19.82 -18.36 -3.90
N THR A 110 20.39 -19.36 -4.57
CA THR A 110 20.30 -19.48 -6.03
C THR A 110 20.01 -20.92 -6.41
N ASP A 111 18.86 -21.16 -7.03
CA ASP A 111 18.53 -22.48 -7.53
C ASP A 111 19.26 -22.72 -8.85
N PHE A 112 19.33 -21.67 -9.67
CA PHE A 112 20.10 -21.64 -10.92
C PHE A 112 20.19 -20.20 -11.42
N THR A 113 21.13 -19.98 -12.33
CA THR A 113 21.33 -18.70 -12.96
C THR A 113 21.00 -18.82 -14.45
N ILE A 114 20.08 -17.95 -14.90
CA ILE A 114 19.74 -17.83 -16.31
C ILE A 114 20.82 -16.95 -16.93
N LYS A 115 21.50 -17.51 -17.94
CA LYS A 115 22.67 -16.88 -18.55
C LYS A 115 22.58 -16.79 -20.06
N HIS A 116 23.47 -15.96 -20.59
CA HIS A 116 23.62 -15.69 -22.01
C HIS A 116 24.93 -16.36 -22.46
N SER A 117 24.88 -17.12 -23.55
CA SER A 117 26.05 -17.85 -24.05
C SER A 117 27.24 -16.94 -24.41
N GLY A 118 26.96 -15.67 -24.75
CA GLY A 118 27.98 -14.73 -25.24
C GLY A 118 28.68 -13.85 -24.22
N THR A 119 28.11 -13.76 -23.02
CA THR A 119 28.73 -12.99 -21.92
C THR A 119 28.24 -13.45 -20.54
N ALA A 120 29.17 -13.45 -19.59
CA ALA A 120 28.82 -13.51 -18.17
C ALA A 120 29.22 -12.18 -17.48
N ASN A 121 29.28 -11.11 -18.26
CA ASN A 121 29.71 -9.83 -17.73
C ASN A 121 28.90 -8.69 -18.32
N PHE A 122 27.58 -8.72 -18.10
CA PHE A 122 26.72 -7.60 -18.50
C PHE A 122 27.09 -6.33 -17.73
N GLU A 123 26.92 -5.18 -18.39
CA GLU A 123 27.32 -3.90 -17.82
C GLU A 123 26.30 -3.38 -16.82
N GLN A 124 25.03 -3.69 -17.07
CA GLN A 124 23.93 -3.21 -16.23
C GLN A 124 22.67 -3.95 -16.63
N ALA A 125 21.65 -3.81 -15.80
CA ALA A 125 20.32 -4.27 -16.08
C ALA A 125 19.42 -3.05 -15.98
N VAL A 126 18.60 -2.81 -16.99
CA VAL A 126 17.71 -1.64 -16.98
C VAL A 126 16.23 -2.04 -17.11
N VAL A 127 15.35 -1.15 -16.64
CA VAL A 127 13.92 -1.25 -16.95
C VAL A 127 13.73 -0.91 -18.44
N ASP A 128 13.28 -1.88 -19.23
CA ASP A 128 13.06 -1.67 -20.66
C ASP A 128 11.58 -1.52 -21.00
N ASP A 129 10.71 -1.95 -20.08
CA ASP A 129 9.26 -1.82 -20.18
C ASP A 129 8.64 -2.29 -18.86
N TYR A 130 7.44 -1.81 -18.56
CA TYR A 130 6.65 -2.33 -17.45
C TYR A 130 5.18 -2.10 -17.73
N ASN A 131 4.32 -2.75 -16.96
CA ASN A 131 2.89 -2.48 -17.05
C ASN A 131 2.33 -2.45 -15.61
N ASP A 132 1.06 -2.80 -15.39
CA ASP A 132 0.49 -2.66 -14.05
C ASP A 132 1.20 -3.51 -12.98
N TRP A 133 1.76 -4.66 -13.38
CA TRP A 133 2.48 -5.54 -12.43
C TRP A 133 3.62 -6.40 -12.94
N TYR A 134 3.83 -6.45 -14.25
CA TYR A 134 5.02 -7.12 -14.81
C TYR A 134 6.12 -6.08 -15.09
N VAL A 135 7.38 -6.52 -15.13
CA VAL A 135 8.51 -5.70 -15.57
C VAL A 135 9.32 -6.46 -16.62
N ARG A 136 9.98 -5.70 -17.50
CA ARG A 136 10.93 -6.25 -18.45
C ARG A 136 12.31 -5.66 -18.15
N GLY A 137 13.16 -6.52 -17.60
CA GLY A 137 14.54 -6.23 -17.26
C GLY A 137 15.44 -6.61 -18.42
N LEU A 138 16.34 -5.68 -18.78
CA LEU A 138 17.22 -5.85 -19.93
C LEU A 138 18.66 -5.81 -19.47
N LEU A 139 19.29 -6.99 -19.46
CA LEU A 139 20.73 -7.10 -19.22
C LEU A 139 21.49 -6.78 -20.51
N GLU A 140 22.42 -5.82 -20.43
CA GLU A 140 23.02 -5.20 -21.60
C GLU A 140 24.53 -5.30 -21.61
N ASN A 141 25.07 -5.79 -22.73
CA ASN A 141 26.50 -5.74 -23.04
C ASN A 141 26.72 -5.58 -24.55
N GLY A 142 26.58 -4.34 -25.04
CA GLY A 142 26.71 -4.03 -26.46
C GLY A 142 25.67 -4.82 -27.25
N ALA A 143 26.13 -5.55 -28.27
CA ALA A 143 25.27 -6.48 -29.03
C ALA A 143 24.61 -7.58 -28.16
N HIS A 144 25.27 -7.98 -27.05
CA HIS A 144 24.70 -9.00 -26.17
C HIS A 144 23.58 -8.41 -25.31
N GLN A 145 22.39 -8.97 -25.47
CA GLN A 145 21.26 -8.55 -24.67
C GLN A 145 20.45 -9.75 -24.20
N MET A 146 19.96 -9.64 -22.96
CA MET A 146 19.06 -10.63 -22.41
C MET A 146 17.94 -9.89 -21.75
N ALA A 147 16.74 -10.04 -22.30
CA ALA A 147 15.54 -9.41 -21.78
C ALA A 147 14.68 -10.41 -21.00
N ILE A 148 14.48 -10.12 -19.71
CA ILE A 148 13.74 -11.00 -18.80
C ILE A 148 12.41 -10.34 -18.42
N THR A 149 11.31 -11.00 -18.77
CA THR A 149 9.95 -10.56 -18.45
C THR A 149 9.39 -11.45 -17.31
N TYR A 150 8.94 -10.78 -16.25
CA TYR A 150 8.54 -11.42 -15.00
C TYR A 150 7.65 -10.49 -14.17
N GLY A 151 6.96 -11.06 -13.19
CA GLY A 151 6.02 -10.32 -12.39
C GLY A 151 5.49 -11.10 -11.22
N VAL A 152 5.04 -10.35 -10.22
CA VAL A 152 4.23 -10.92 -9.16
C VAL A 152 3.04 -11.63 -9.82
N GLY A 153 2.68 -12.81 -9.31
CA GLY A 153 1.57 -13.57 -9.88
C GLY A 153 1.86 -14.26 -11.21
N SER A 154 3.15 -14.41 -11.54
CA SER A 154 3.57 -15.09 -12.76
C SER A 154 4.53 -16.22 -12.43
N PRO A 155 4.07 -17.47 -12.62
CA PRO A 155 4.95 -18.63 -12.46
C PRO A 155 5.86 -18.83 -13.69
N TYR A 156 5.84 -17.88 -14.64
CA TYR A 156 6.76 -17.86 -15.79
C TYR A 156 7.76 -16.74 -15.66
N ILE A 157 8.96 -17.03 -16.15
CA ILE A 157 9.99 -16.04 -16.48
C ILE A 157 10.28 -16.24 -17.97
N PHE A 158 10.07 -15.17 -18.76
CA PHE A 158 10.28 -15.21 -20.21
C PHE A 158 11.62 -14.56 -20.55
N VAL A 159 12.41 -15.23 -21.38
CA VAL A 159 13.80 -14.82 -21.63
C VAL A 159 14.04 -14.63 -23.13
N GLU A 160 14.38 -13.41 -23.54
CA GLU A 160 14.65 -13.11 -24.95
C GLU A 160 16.11 -12.72 -25.13
N TYR A 161 16.75 -13.35 -26.12
CA TYR A 161 18.18 -13.25 -26.37
C TYR A 161 18.53 -12.47 -27.63
N GLU A 162 19.56 -11.63 -27.56
CA GLU A 162 20.13 -11.00 -28.75
C GLU A 162 21.58 -11.40 -28.80
N ASP A 163 22.01 -11.82 -29.99
CA ASP A 163 23.40 -12.21 -30.24
C ASP A 163 23.90 -13.26 -29.23
N GLY A 164 23.10 -14.29 -29.05
CA GLY A 164 23.44 -15.42 -28.18
C GLY A 164 22.30 -16.37 -27.93
N SER A 165 22.56 -17.37 -27.10
CA SER A 165 21.60 -18.40 -26.83
C SER A 165 21.54 -18.68 -25.33
N ALA A 166 20.65 -19.60 -24.92
CA ALA A 166 20.31 -19.83 -23.51
C ALA A 166 21.26 -20.76 -22.77
N VAL A 167 21.54 -20.42 -21.51
CA VAL A 167 22.34 -21.22 -20.62
C VAL A 167 21.66 -21.19 -19.24
N LEU A 168 21.47 -22.37 -18.66
CA LEU A 168 21.03 -22.48 -17.27
C LEU A 168 22.13 -23.14 -16.44
N ASP A 169 22.70 -22.37 -15.52
CA ASP A 169 23.85 -22.77 -14.73
C ASP A 169 23.50 -23.09 -13.28
N PHE A 170 23.98 -24.24 -12.79
CA PHE A 170 23.66 -24.79 -11.45
C PHE A 170 24.95 -25.03 -10.67
N ASP A 171 24.94 -24.82 -9.35
CA ASP A 171 26.10 -25.20 -8.53
C ASP A 171 26.20 -26.71 -8.38
N ILE A 172 25.05 -27.36 -8.26
CA ILE A 172 24.94 -28.82 -8.18
C ILE A 172 24.03 -29.27 -9.31
N ALA A 173 24.46 -30.32 -10.03
CA ALA A 173 23.73 -30.88 -11.18
C ALA A 173 22.25 -31.18 -10.86
N PRO A 174 21.33 -30.58 -11.64
CA PRO A 174 19.91 -30.87 -11.43
C PRO A 174 19.52 -32.23 -11.96
N ASP A 175 18.40 -32.74 -11.44
CA ASP A 175 17.76 -33.95 -11.93
C ASP A 175 16.79 -33.58 -13.06
N VAL A 176 17.13 -33.94 -14.29
CA VAL A 176 16.22 -33.74 -15.41
C VAL A 176 15.36 -34.99 -15.49
N TRP A 177 14.16 -34.90 -14.93
CA TRP A 177 13.27 -36.06 -14.81
C TRP A 177 12.38 -36.21 -16.03
N GLU A 178 12.27 -35.13 -16.82
CA GLU A 178 11.54 -35.23 -18.09
C GLU A 178 12.25 -34.49 -19.21
N MET A 179 12.59 -35.23 -20.25
CA MET A 179 13.30 -34.69 -21.40
C MET A 179 12.47 -34.89 -22.68
N ASN A 180 11.80 -33.82 -23.12
CA ASN A 180 10.98 -33.83 -24.34
C ASN A 180 11.71 -33.14 -25.50
N GLY A 181 13.04 -33.07 -25.40
CA GLY A 181 13.87 -32.39 -26.38
C GLY A 181 13.99 -30.92 -26.08
N HIS A 182 13.00 -30.17 -26.56
CA HIS A 182 12.97 -28.70 -26.46
C HIS A 182 12.28 -28.24 -25.17
N VAL A 183 11.72 -29.20 -24.42
CA VAL A 183 11.09 -28.92 -23.12
C VAL A 183 11.65 -29.91 -22.08
N ILE A 184 12.05 -29.39 -20.91
CA ILE A 184 12.59 -30.20 -19.82
C ILE A 184 11.86 -29.91 -18.52
N GLY A 185 11.57 -30.99 -17.77
CA GLY A 185 11.15 -30.89 -16.35
C GLY A 185 12.37 -31.25 -15.50
N PHE A 186 12.72 -30.39 -14.56
CA PHE A 186 13.92 -30.61 -13.72
C PHE A 186 13.70 -30.25 -12.25
N SER A 187 14.58 -30.78 -11.42
CA SER A 187 14.56 -30.50 -10.00
C SER A 187 15.96 -30.15 -9.57
N THR A 188 16.04 -29.22 -8.63
CA THR A 188 17.29 -28.91 -7.95
C THR A 188 17.72 -30.12 -7.09
N HIS A 189 19.00 -30.17 -6.73
CA HIS A 189 19.50 -31.21 -5.81
C HIS A 189 18.60 -31.34 -4.56
N ASP A 190 18.00 -30.23 -4.13
CA ASP A 190 17.12 -30.20 -2.95
C ASP A 190 15.62 -30.16 -3.31
N HIS A 191 15.29 -30.74 -4.47
CA HIS A 191 13.91 -31.12 -4.83
C HIS A 191 12.91 -29.97 -5.07
N LYS A 192 13.39 -28.85 -5.58
CA LYS A 192 12.50 -27.78 -6.07
C LYS A 192 12.22 -28.00 -7.55
N HIS A 193 10.94 -28.01 -7.92
CA HIS A 193 10.53 -28.43 -9.27
C HIS A 193 10.26 -27.29 -10.24
N TYR A 194 10.97 -27.34 -11.36
CA TYR A 194 10.93 -26.31 -12.39
C TYR A 194 10.79 -26.94 -13.76
N ALA A 195 10.56 -26.08 -14.75
CA ALA A 195 10.55 -26.49 -16.13
C ALA A 195 11.15 -25.40 -17.01
N ALA A 196 11.69 -25.81 -18.15
CA ALA A 196 12.23 -24.89 -19.15
C ALA A 196 11.72 -25.28 -20.52
N PHE A 197 11.44 -24.26 -21.35
CA PHE A 197 10.78 -24.42 -22.64
C PHE A 197 11.50 -23.60 -23.71
N ALA A 198 11.81 -24.27 -24.80
CA ALA A 198 12.40 -23.65 -25.98
C ALA A 198 11.51 -24.02 -27.17
N PRO A 199 11.62 -23.30 -28.32
CA PRO A 199 10.77 -23.64 -29.47
C PRO A 199 11.05 -25.07 -30.01
N PRO A 200 10.04 -25.75 -30.62
CA PRO A 200 10.23 -27.11 -31.15
C PRO A 200 11.46 -27.20 -32.04
N GLY A 201 12.28 -28.21 -31.81
CA GLY A 201 13.49 -28.45 -32.60
C GLY A 201 14.76 -27.94 -31.94
N GLN A 202 14.60 -27.00 -31.01
CA GLN A 202 15.74 -26.45 -30.28
C GLN A 202 15.89 -27.26 -28.99
N ASN A 203 16.71 -28.31 -29.07
CA ASN A 203 16.79 -29.29 -27.98
C ASN A 203 17.79 -28.88 -26.93
N TRP A 204 17.48 -29.21 -25.67
CA TRP A 204 18.38 -28.97 -24.54
C TRP A 204 19.55 -29.96 -24.54
N SER A 205 20.76 -29.47 -24.23
CA SER A 205 21.96 -30.29 -24.03
C SER A 205 22.52 -30.10 -22.62
N GLY A 206 23.48 -30.97 -22.25
CA GLY A 206 24.16 -30.94 -20.95
C GLY A 206 23.39 -31.64 -19.85
N ILE A 207 22.34 -32.39 -20.22
CA ILE A 207 21.55 -33.20 -19.28
C ILE A 207 22.53 -34.08 -18.50
N GLY A 208 22.46 -33.99 -17.17
CA GLY A 208 23.32 -34.75 -16.28
C GLY A 208 24.44 -33.90 -15.70
N SER A 209 24.74 -32.78 -16.35
CA SER A 209 25.81 -31.87 -15.91
C SER A 209 25.22 -30.68 -15.15
N LYS A 210 26.09 -29.76 -14.75
CA LYS A 210 25.72 -28.58 -14.00
C LYS A 210 25.26 -27.42 -14.90
N THR A 211 25.36 -27.62 -16.22
CA THR A 211 25.04 -26.56 -17.19
C THR A 211 24.16 -27.08 -18.31
N LEU A 212 22.95 -26.53 -18.38
CA LEU A 212 21.97 -26.90 -19.40
C LEU A 212 21.93 -25.79 -20.44
N THR A 213 22.07 -26.17 -21.70
CA THR A 213 22.20 -25.19 -22.76
C THR A 213 21.15 -25.43 -23.84
N ASN A 214 20.74 -24.35 -24.50
CA ASN A 214 19.83 -24.44 -25.64
C ASN A 214 20.23 -23.39 -26.65
N ASN A 215 20.28 -23.76 -27.93
CA ASN A 215 20.62 -22.84 -29.02
C ASN A 215 19.58 -21.78 -29.35
N ALA A 216 18.37 -21.90 -28.79
CA ALA A 216 17.30 -20.94 -29.08
C ALA A 216 17.64 -19.52 -28.59
N ASP A 217 17.00 -18.51 -29.19
CA ASP A 217 17.08 -17.12 -28.72
C ASP A 217 15.87 -16.73 -27.83
N TYR A 218 15.09 -17.75 -27.48
CA TYR A 218 13.96 -17.60 -26.58
C TYR A 218 13.81 -18.86 -25.73
N ILE A 219 13.76 -18.68 -24.41
CA ILE A 219 13.29 -19.71 -23.49
C ILE A 219 12.28 -19.14 -22.48
N ALA A 220 11.51 -20.05 -21.88
CA ALA A 220 10.72 -19.74 -20.70
C ALA A 220 11.15 -20.64 -19.55
N ILE A 221 11.08 -20.09 -18.33
CA ILE A 221 11.19 -20.86 -17.10
C ILE A 221 9.86 -20.84 -16.36
N ALA A 222 9.44 -22.00 -15.88
CA ALA A 222 8.31 -22.08 -14.99
C ALA A 222 8.70 -22.72 -13.67
N LYS A 223 8.20 -22.17 -12.57
CA LYS A 223 8.06 -22.92 -11.32
C LYS A 223 6.87 -23.87 -11.44
N LEU A 224 7.12 -25.17 -11.31
CA LEU A 224 6.03 -26.15 -11.30
C LEU A 224 5.49 -26.33 -9.88
N PRO A 225 4.15 -26.51 -9.74
CA PRO A 225 3.61 -26.79 -8.41
C PRO A 225 4.05 -28.14 -7.87
N GLU A 226 4.22 -29.12 -8.77
CA GLU A 226 4.58 -30.50 -8.41
C GLU A 226 5.48 -31.09 -9.50
N LYS A 227 6.23 -32.14 -9.15
CA LYS A 227 6.97 -32.94 -10.12
C LYS A 227 5.93 -33.81 -10.86
N ASP A 228 5.41 -33.29 -11.96
CA ASP A 228 4.21 -33.81 -12.59
C ASP A 228 4.21 -33.41 -14.06
N GLY A 229 4.23 -34.42 -14.93
CA GLY A 229 4.27 -34.23 -16.39
C GLY A 229 2.98 -33.69 -16.97
N ASN A 230 1.85 -34.01 -16.35
CA ASN A 230 0.58 -33.39 -16.74
C ASN A 230 0.65 -31.87 -16.51
N MET A 231 1.17 -31.45 -15.37
CA MET A 231 1.40 -30.00 -15.12
C MET A 231 2.39 -29.41 -16.12
N LEU A 232 3.49 -30.12 -16.36
CA LEU A 232 4.49 -29.70 -17.33
C LEU A 232 3.81 -29.47 -18.70
N ALA A 233 2.96 -30.41 -19.11
CA ALA A 233 2.21 -30.28 -20.37
C ALA A 233 1.29 -29.06 -20.38
N LYS A 234 0.66 -28.75 -19.24
CA LYS A 234 -0.17 -27.56 -19.15
C LYS A 234 0.67 -26.30 -19.28
N PHE A 235 1.82 -26.26 -18.58
CA PHE A 235 2.73 -25.12 -18.65
C PHE A 235 3.30 -24.87 -20.04
N GLU A 236 3.50 -25.94 -20.81
CA GLU A 236 3.88 -25.85 -22.24
C GLU A 236 2.91 -25.00 -23.03
N GLN A 237 1.61 -25.18 -22.77
CA GLN A 237 0.58 -24.47 -23.53
C GLN A 237 0.75 -22.94 -23.58
N TYR A 238 1.18 -22.35 -22.47
CA TYR A 238 1.38 -20.90 -22.37
C TYR A 238 2.85 -20.46 -22.28
N ALA A 239 3.79 -21.39 -22.48
CA ALA A 239 5.20 -21.08 -22.28
C ALA A 239 5.78 -20.20 -23.38
N TYR A 240 5.01 -20.02 -24.46
CA TYR A 240 5.45 -19.25 -25.63
C TYR A 240 4.61 -18.01 -25.82
N SER A 241 3.81 -17.69 -24.81
CA SER A 241 2.98 -16.49 -24.83
C SER A 241 3.55 -15.45 -23.85
N VAL A 242 4.47 -14.62 -24.35
CA VAL A 242 5.18 -13.63 -23.49
C VAL A 242 4.28 -12.43 -23.21
N VAL A 243 4.13 -12.11 -21.91
CA VAL A 243 3.27 -11.00 -21.48
C VAL A 243 3.90 -9.66 -21.92
N ARG A 244 3.13 -8.87 -22.67
CA ARG A 244 3.58 -7.52 -23.08
C ARG A 244 2.78 -6.44 -22.36
N ASP A 245 1.47 -6.64 -22.27
CA ASP A 245 0.60 -5.74 -21.55
C ASP A 245 -0.02 -6.46 -20.38
N ALA A 246 -0.27 -5.72 -19.30
CA ALA A 246 -1.04 -6.19 -18.15
C ALA A 246 -1.72 -5.02 -17.46
N VAL A 247 -3.03 -5.12 -17.35
CA VAL A 247 -3.86 -4.04 -16.88
C VAL A 247 -4.82 -4.61 -15.83
N ALA A 248 -4.96 -3.86 -14.73
CA ALA A 248 -6.01 -4.11 -13.74
C ALA A 248 -7.06 -2.99 -13.87
N ASP A 249 -8.15 -3.30 -14.58
CA ASP A 249 -9.28 -2.39 -14.75
C ASP A 249 -10.35 -2.63 -13.71
N TRP A 250 -10.92 -1.54 -13.19
CA TRP A 250 -11.91 -1.66 -12.13
C TRP A 250 -13.14 -0.86 -12.46
N THR A 251 -14.26 -1.27 -11.87
CA THR A 251 -15.45 -0.42 -11.78
C THR A 251 -15.95 -0.39 -10.35
N TYR A 252 -16.56 0.73 -9.99
CA TYR A 252 -17.28 0.85 -8.74
C TYR A 252 -18.76 0.96 -9.09
N ASP A 253 -19.54 0.03 -8.56
CA ASP A 253 -21.01 0.06 -8.73
C ASP A 253 -21.52 0.73 -7.48
N GLU A 254 -21.90 2.00 -7.60
CA GLU A 254 -22.31 2.78 -6.44
C GLU A 254 -23.61 2.26 -5.77
N ALA A 255 -24.52 1.71 -6.58
CA ALA A 255 -25.77 1.13 -6.10
C ALA A 255 -25.53 -0.03 -5.13
N THR A 256 -24.60 -0.93 -5.46
CA THR A 256 -24.34 -2.11 -4.63
C THR A 256 -23.13 -2.00 -3.70
N GLY A 257 -22.20 -1.11 -4.04
CA GLY A 257 -20.93 -0.98 -3.34
C GLY A 257 -19.83 -1.91 -3.86
N THR A 258 -20.12 -2.70 -4.90
CA THR A 258 -19.17 -3.68 -5.44
C THR A 258 -18.07 -3.02 -6.22
N VAL A 259 -16.83 -3.37 -5.85
CA VAL A 259 -15.66 -2.98 -6.63
C VAL A 259 -15.22 -4.23 -7.41
N THR A 260 -15.27 -4.12 -8.72
CA THR A 260 -14.98 -5.23 -9.62
C THR A 260 -13.66 -4.90 -10.32
N THR A 261 -12.69 -5.81 -10.23
CA THR A 261 -11.39 -5.62 -10.87
C THR A 261 -11.10 -6.77 -11.83
N THR A 262 -10.80 -6.43 -13.08
CA THR A 262 -10.36 -7.40 -14.08
C THR A 262 -8.87 -7.23 -14.41
N PHE A 263 -8.13 -8.32 -14.22
CA PHE A 263 -6.70 -8.37 -14.49
C PHE A 263 -6.56 -9.05 -15.85
N GLU A 264 -6.07 -8.30 -16.84
CA GLU A 264 -5.97 -8.77 -18.22
C GLU A 264 -4.54 -8.63 -18.77
N VAL A 265 -4.01 -9.73 -19.32
CA VAL A 265 -2.73 -9.69 -20.02
C VAL A 265 -2.95 -9.67 -21.54
N THR A 266 -1.99 -9.11 -22.27
CA THR A 266 -1.88 -9.31 -23.71
C THR A 266 -0.48 -9.82 -23.97
N THR A 267 -0.41 -10.94 -24.68
CA THR A 267 0.83 -11.65 -24.89
C THR A 267 1.30 -11.54 -26.33
N GLU A 268 2.55 -11.91 -26.58
CA GLU A 268 3.06 -12.04 -27.94
C GLU A 268 3.57 -13.46 -28.16
N ALA A 269 3.13 -14.06 -29.27
CA ALA A 269 3.43 -15.44 -29.63
C ALA A 269 4.90 -15.58 -30.01
N LYS A 270 5.54 -16.62 -29.48
CA LYS A 270 6.93 -16.90 -29.78
C LYS A 270 7.06 -18.18 -30.61
N VAL A 271 5.98 -18.94 -30.70
CA VAL A 271 5.80 -19.98 -31.71
C VAL A 271 4.44 -19.77 -32.36
N GLN A 272 4.32 -20.25 -33.59
CA GLN A 272 3.06 -20.27 -34.32
C GLN A 272 1.90 -20.80 -33.47
N GLY A 273 0.82 -20.00 -33.39
CA GLY A 273 -0.42 -20.42 -32.77
C GLY A 273 -0.43 -20.32 -31.25
N ALA A 274 0.59 -19.68 -30.65
CA ALA A 274 0.62 -19.54 -29.19
C ALA A 274 -0.63 -18.77 -28.72
N PRO A 275 -1.35 -19.30 -27.70
CA PRO A 275 -2.62 -18.65 -27.29
C PRO A 275 -2.35 -17.29 -26.63
N ASP A 276 -3.31 -16.38 -26.71
CA ASP A 276 -3.17 -15.09 -26.08
C ASP A 276 -3.67 -15.21 -24.65
N GLY A 277 -2.75 -15.53 -23.75
CA GLY A 277 -3.05 -15.66 -22.33
C GLY A 277 -1.86 -16.25 -21.59
N THR A 278 -2.06 -16.57 -20.30
CA THR A 278 -0.97 -17.07 -19.47
C THR A 278 -1.51 -18.00 -18.37
N ILE A 279 -0.62 -18.43 -17.47
CA ILE A 279 -1.06 -19.03 -16.21
C ILE A 279 -0.76 -18.00 -15.15
N PHE A 280 -1.81 -17.48 -14.51
CA PHE A 280 -1.67 -16.54 -13.40
C PHE A 280 -1.50 -17.34 -12.13
N ALA A 281 -0.72 -16.81 -11.19
CA ALA A 281 -0.70 -17.32 -9.82
C ALA A 281 -1.41 -16.29 -8.94
N LEU A 282 -2.56 -16.66 -8.39
CA LEU A 282 -3.38 -15.73 -7.61
C LEU A 282 -2.99 -15.72 -6.15
N TYR A 283 -2.98 -14.54 -5.56
CA TYR A 283 -2.78 -14.41 -4.11
C TYR A 283 -4.10 -14.67 -3.35
N PRO A 284 -4.02 -15.02 -2.03
CA PRO A 284 -5.25 -15.14 -1.24
C PRO A 284 -6.28 -14.01 -1.40
N HIS A 285 -5.84 -12.75 -1.33
CA HIS A 285 -6.77 -11.59 -1.41
C HIS A 285 -7.53 -11.49 -2.75
N GLN A 286 -6.97 -12.14 -3.78
CA GLN A 286 -7.63 -12.30 -5.09
C GLN A 286 -8.56 -13.50 -5.17
N TYR A 287 -8.08 -14.70 -4.89
CA TYR A 287 -8.91 -15.89 -5.13
C TYR A 287 -10.04 -16.11 -4.14
N ARG A 288 -9.88 -15.53 -2.95
CA ARG A 288 -10.94 -15.54 -1.95
C ARG A 288 -12.11 -14.66 -2.40
N HIS A 289 -11.84 -13.77 -3.36
CA HIS A 289 -12.87 -12.88 -3.92
C HIS A 289 -13.08 -13.09 -5.41
N LEU A 290 -12.75 -14.29 -5.89
CA LEU A 290 -12.85 -14.61 -7.31
C LEU A 290 -14.30 -14.54 -7.83
N ALA A 291 -14.51 -13.86 -8.97
CA ALA A 291 -15.85 -13.79 -9.58
C ALA A 291 -16.28 -15.17 -10.12
N SER A 292 -17.60 -15.40 -10.16
CA SER A 292 -18.15 -16.68 -10.60
C SER A 292 -17.67 -17.04 -11.99
N SER A 293 -17.68 -16.05 -12.87
CA SER A 293 -17.32 -16.24 -14.27
C SER A 293 -15.84 -16.59 -14.51
N SER A 294 -15.00 -16.45 -13.47
CA SER A 294 -13.57 -16.83 -13.52
C SER A 294 -13.28 -18.23 -12.95
N GLU A 295 -14.23 -18.76 -12.16
CA GLU A 295 -14.07 -20.04 -11.46
C GLU A 295 -13.61 -21.21 -12.34
N ASN A 296 -14.18 -21.32 -13.54
CA ASN A 296 -13.85 -22.37 -14.51
C ASN A 296 -12.40 -22.33 -15.04
N GLN A 297 -11.69 -21.22 -14.83
CA GLN A 297 -10.31 -21.07 -15.31
C GLN A 297 -9.27 -21.56 -14.30
N LEU A 298 -9.69 -21.79 -13.06
CA LEU A 298 -8.83 -22.35 -12.02
C LEU A 298 -8.24 -23.68 -12.39
N LEU A 299 -6.96 -23.85 -12.03
CA LEU A 299 -6.27 -25.11 -12.16
C LEU A 299 -6.13 -25.62 -10.73
N GLN A 300 -7.12 -26.40 -10.30
CA GLN A 300 -7.42 -26.60 -8.86
C GLN A 300 -6.22 -26.96 -7.99
N ASN A 301 -5.41 -27.91 -8.46
CA ASN A 301 -4.29 -28.45 -7.68
C ASN A 301 -2.97 -27.70 -7.89
N TYR A 302 -3.03 -26.57 -8.59
CA TYR A 302 -1.83 -25.80 -8.92
C TYR A 302 -1.50 -24.79 -7.79
N GLN A 303 -0.92 -25.27 -6.70
CA GLN A 303 -0.61 -24.43 -5.52
C GLN A 303 0.87 -24.13 -5.39
N TYR A 304 1.19 -22.91 -4.93
CA TYR A 304 2.56 -22.53 -4.56
C TYR A 304 2.55 -21.94 -3.15
N GLU A 305 3.47 -22.41 -2.29
CA GLU A 305 3.68 -21.79 -0.99
C GLU A 305 4.67 -20.64 -1.11
N ILE A 306 4.29 -19.51 -0.54
CA ILE A 306 5.05 -18.25 -0.55
C ILE A 306 4.82 -17.58 0.80
N ILE A 307 5.55 -16.49 1.06
CA ILE A 307 5.43 -15.73 2.31
C ILE A 307 3.98 -15.31 2.63
N ARG A 308 3.21 -15.05 1.58
CA ARG A 308 1.82 -14.62 1.75
C ARG A 308 0.81 -15.77 1.75
N GLY A 309 1.31 -16.99 1.94
CA GLY A 309 0.44 -18.16 2.06
C GLY A 309 0.50 -19.01 0.81
N THR A 310 -0.66 -19.38 0.31
CA THR A 310 -0.79 -20.31 -0.80
C THR A 310 -1.28 -19.55 -2.03
N MET A 311 -0.51 -19.60 -3.12
CA MET A 311 -0.96 -19.09 -4.41
C MET A 311 -1.63 -20.22 -5.17
N ILE A 312 -2.58 -19.89 -6.04
CA ILE A 312 -3.20 -20.91 -6.88
C ILE A 312 -3.17 -20.52 -8.36
N GLY A 313 -3.11 -21.53 -9.23
CA GLY A 313 -3.04 -21.34 -10.69
C GLY A 313 -4.38 -21.05 -11.31
N LEU A 314 -4.38 -20.14 -12.27
CA LEU A 314 -5.56 -19.84 -13.08
C LEU A 314 -5.09 -19.59 -14.51
N GLU A 315 -5.78 -20.17 -15.49
CA GLU A 315 -5.36 -20.06 -16.88
C GLU A 315 -6.23 -19.12 -17.73
N GLY A 316 -5.62 -18.45 -18.71
CA GLY A 316 -6.37 -17.66 -19.67
C GLY A 316 -5.86 -16.24 -19.82
N LYS A 317 -6.71 -15.41 -20.41
CA LYS A 317 -6.37 -14.01 -20.74
C LYS A 317 -6.60 -13.06 -19.58
N ARG A 318 -7.57 -13.38 -18.74
CA ARG A 318 -8.04 -12.50 -17.68
C ARG A 318 -8.71 -13.25 -16.53
N PHE A 319 -8.78 -12.60 -15.38
CA PHE A 319 -9.67 -13.04 -14.28
C PHE A 319 -10.20 -11.80 -13.57
N THR A 320 -11.25 -12.01 -12.78
CA THR A 320 -11.94 -10.94 -12.10
C THR A 320 -12.11 -11.21 -10.61
N THR A 321 -11.91 -10.16 -9.80
CA THR A 321 -12.26 -10.20 -8.38
C THR A 321 -13.40 -9.25 -8.11
N GLU A 322 -14.15 -9.54 -7.04
CA GLU A 322 -15.23 -8.68 -6.60
C GLU A 322 -15.12 -8.42 -5.10
N LEU A 323 -15.18 -7.13 -4.75
CA LEU A 323 -15.00 -6.67 -3.38
C LEU A 323 -16.16 -5.74 -3.04
N THR A 324 -16.28 -5.44 -1.75
CA THR A 324 -17.35 -4.58 -1.25
C THR A 324 -16.75 -3.39 -0.52
N TYR A 325 -16.97 -2.22 -1.10
CA TYR A 325 -16.67 -0.94 -0.47
C TYR A 325 -17.65 -0.73 0.66
N PRO A 326 -17.16 -0.48 1.90
CA PRO A 326 -18.05 -0.39 3.05
C PRO A 326 -18.52 1.03 3.43
N GLY A 327 -18.13 2.04 2.66
CA GLY A 327 -18.34 3.44 3.04
C GLY A 327 -17.22 4.02 3.90
N VAL A 328 -17.16 5.35 3.96
CA VAL A 328 -16.34 6.11 4.94
C VAL A 328 -17.18 7.28 5.46
N LEU A 329 -16.71 7.90 6.54
CA LEU A 329 -17.33 9.11 7.14
C LEU A 329 -16.29 10.22 7.30
N PRO A 330 -16.72 11.52 7.29
CA PRO A 330 -15.76 12.61 7.55
C PRO A 330 -15.28 12.63 9.00
N SER A 331 -16.07 11.99 9.87
CA SER A 331 -15.77 11.79 11.28
C SER A 331 -16.91 11.00 11.89
N LEU A 332 -16.74 10.56 13.14
CA LEU A 332 -17.87 9.97 13.83
C LEU A 332 -18.87 11.06 14.17
N PRO A 333 -20.19 10.74 14.13
CA PRO A 333 -21.21 11.73 14.48
C PRO A 333 -21.31 11.96 16.02
N ASP A 334 -22.22 12.85 16.45
CA ASP A 334 -22.49 13.12 17.88
C ASP A 334 -23.52 12.15 18.44
N LEU A 335 -23.08 10.94 18.75
CA LEU A 335 -23.99 9.90 19.20
C LEU A 335 -23.54 9.23 20.49
N GLY A 336 -22.47 9.74 21.08
CA GLY A 336 -21.94 9.19 22.34
C GLY A 336 -22.71 9.63 23.58
N ASP A 337 -22.53 8.86 24.65
CA ASP A 337 -23.05 9.21 25.98
C ASP A 337 -21.98 9.87 26.84
N TYR A 338 -21.14 10.68 26.21
CA TYR A 338 -20.13 11.47 26.93
C TYR A 338 -20.76 12.60 27.75
N ASP A 339 -20.02 13.02 28.78
CA ASP A 339 -20.28 14.28 29.44
C ASP A 339 -19.80 15.38 28.49
N ARG A 340 -20.77 16.15 28.00
CA ARG A 340 -20.55 17.16 26.95
C ARG A 340 -19.60 18.27 27.37
N GLU A 341 -19.75 18.75 28.61
CA GLU A 341 -18.84 19.74 29.19
C GLU A 341 -17.42 19.19 29.35
N ARG A 342 -17.30 17.90 29.68
CA ARG A 342 -15.99 17.25 29.77
C ARG A 342 -15.30 17.18 28.38
N LEU A 343 -16.07 16.82 27.36
CA LEU A 343 -15.58 16.82 25.97
C LEU A 343 -15.19 18.23 25.50
N ILE A 344 -16.07 19.21 25.74
CA ILE A 344 -15.76 20.64 25.47
C ILE A 344 -14.41 21.05 26.10
N GLY A 345 -14.16 20.65 27.34
CA GLY A 345 -12.90 20.94 28.05
C GLY A 345 -11.68 20.39 27.32
N TYR A 346 -11.71 19.08 27.01
CA TYR A 346 -10.66 18.44 26.21
C TYR A 346 -10.45 19.12 24.87
N LEU A 347 -11.54 19.57 24.22
CA LEU A 347 -11.44 20.32 22.97
C LEU A 347 -10.59 21.58 23.14
N HIS A 348 -10.90 22.36 24.18
CA HIS A 348 -10.07 23.54 24.52
C HIS A 348 -8.64 23.20 24.92
N ASP A 349 -8.44 22.10 25.62
CA ASP A 349 -7.10 21.62 26.00
C ASP A 349 -6.18 21.43 24.78
N ALA A 350 -6.80 21.06 23.66
CA ALA A 350 -6.07 20.74 22.42
C ALA A 350 -5.53 21.95 21.67
N THR A 351 -5.91 23.15 22.11
CA THR A 351 -5.30 24.39 21.62
C THR A 351 -3.83 24.51 22.07
N SER A 352 -3.43 23.76 23.10
CA SER A 352 -2.02 23.70 23.52
C SER A 352 -1.14 22.83 22.59
N ASP A 353 -1.74 21.94 21.82
CA ASP A 353 -0.97 21.01 20.97
C ASP A 353 -0.21 21.76 19.89
N TYR A 354 0.95 21.25 19.51
CA TYR A 354 1.71 21.85 18.41
C TYR A 354 2.47 20.74 17.69
N PRO A 355 2.92 20.99 16.44
CA PRO A 355 3.66 19.95 15.71
C PRO A 355 5.03 19.66 16.34
N THR A 356 5.44 18.38 16.35
CA THR A 356 6.73 18.00 16.93
C THR A 356 7.85 17.92 15.89
N GLY A 357 7.75 18.73 14.84
CA GLY A 357 8.76 18.83 13.77
C GLY A 357 8.28 19.72 12.64
N SER A 358 9.17 20.08 11.73
CA SER A 358 8.85 20.98 10.60
C SER A 358 8.68 20.20 9.29
N ASP A 359 8.89 18.88 9.35
CA ASP A 359 8.81 18.05 8.15
C ASP A 359 7.36 17.69 7.83
N THR A 360 7.12 17.29 6.58
CA THR A 360 5.78 16.89 6.10
C THR A 360 5.07 15.86 6.99
N TYR A 361 5.82 14.95 7.63
CA TYR A 361 5.18 13.93 8.48
C TYR A 361 4.70 14.48 9.82
N GLU A 362 5.60 15.12 10.56
CA GLU A 362 5.23 15.67 11.86
C GLU A 362 4.17 16.76 11.72
N LEU A 363 4.28 17.55 10.65
CA LEU A 363 3.34 18.60 10.38
C LEU A 363 1.99 17.97 9.95
N GLY A 364 2.07 16.90 9.17
CA GLY A 364 0.94 16.08 8.79
C GLY A 364 0.16 15.58 9.98
N LYS A 365 0.85 14.95 10.93
CA LYS A 365 0.19 14.44 12.14
C LYS A 365 -0.60 15.53 12.89
N TYR A 366 0.00 16.72 12.95
CA TYR A 366 -0.60 17.85 13.63
C TYR A 366 -1.87 18.33 12.96
N ILE A 367 -1.82 18.52 11.64
CA ILE A 367 -3.00 18.98 10.88
C ILE A 367 -4.13 17.94 10.82
N GLY A 368 -3.77 16.65 10.78
CA GLY A 368 -4.76 15.56 10.93
C GLY A 368 -5.46 15.63 12.28
N LYS A 369 -4.68 15.90 13.33
CA LYS A 369 -5.20 16.13 14.68
C LYS A 369 -6.20 17.31 14.73
N LEU A 370 -5.83 18.46 14.15
CA LEU A 370 -6.76 19.59 14.09
C LEU A 370 -8.01 19.27 13.26
N ALA A 371 -7.80 18.56 12.15
CA ALA A 371 -8.92 18.21 11.27
C ALA A 371 -9.88 17.24 11.95
N THR A 372 -9.34 16.43 12.87
CA THR A 372 -10.13 15.49 13.64
C THR A 372 -10.94 16.20 14.76
N LEU A 373 -10.35 17.25 15.36
CA LEU A 373 -11.00 18.02 16.43
C LEU A 373 -12.17 18.90 15.95
N ALA A 374 -12.06 19.45 14.75
CA ALA A 374 -13.00 20.48 14.25
C ALA A 374 -14.47 20.00 14.15
N PRO A 375 -14.73 18.77 13.59
CA PRO A 375 -16.11 18.27 13.56
C PRO A 375 -16.66 18.01 14.97
N ILE A 376 -15.79 17.57 15.88
CA ILE A 376 -16.20 17.36 17.27
C ILE A 376 -16.59 18.70 17.92
N ALA A 377 -15.79 19.75 17.67
CA ALA A 377 -16.10 21.09 18.18
C ALA A 377 -17.45 21.59 17.64
N ASP A 378 -17.69 21.46 16.33
CA ASP A 378 -19.03 21.68 15.73
C ASP A 378 -20.15 20.96 16.48
N GLN A 379 -19.95 19.67 16.71
CA GLN A 379 -20.95 18.83 17.38
C GLN A 379 -21.27 19.29 18.80
N MET A 380 -20.27 19.85 19.49
CA MET A 380 -20.46 20.31 20.87
C MET A 380 -20.97 21.75 20.94
N GLY A 381 -21.29 22.33 19.77
CA GLY A 381 -21.76 23.72 19.68
C GLY A 381 -20.65 24.77 19.77
N GLU A 382 -19.40 24.29 19.86
CA GLU A 382 -18.22 25.16 19.91
C GLU A 382 -17.78 25.59 18.49
N TYR A 383 -18.66 26.31 17.78
CA TYR A 383 -18.40 26.64 16.37
C TYR A 383 -17.22 27.59 16.23
N GLU A 384 -17.03 28.46 17.22
CA GLU A 384 -15.91 29.41 17.18
C GLU A 384 -14.56 28.70 17.33
N LEU A 385 -14.51 27.71 18.21
CA LEU A 385 -13.36 26.83 18.32
C LEU A 385 -13.12 25.99 17.06
N ALA A 386 -14.20 25.46 16.48
CA ALA A 386 -14.11 24.68 15.26
C ALA A 386 -13.50 25.52 14.15
N GLU A 387 -13.94 26.78 14.09
CA GLU A 387 -13.43 27.76 13.14
C GLU A 387 -11.95 28.12 13.40
N GLN A 388 -11.54 28.19 14.67
CA GLN A 388 -10.14 28.40 14.99
C GLN A 388 -9.27 27.27 14.41
N PHE A 389 -9.70 26.01 14.62
CA PHE A 389 -8.96 24.86 14.09
C PHE A 389 -8.90 24.92 12.56
N ARG A 390 -10.05 25.16 11.91
CA ARG A 390 -10.08 25.22 10.45
C ARG A 390 -9.28 26.40 9.89
N GLY A 391 -9.26 27.52 10.62
CA GLY A 391 -8.41 28.67 10.29
C GLY A 391 -6.93 28.35 10.35
N GLU A 392 -6.53 27.63 11.39
CA GLU A 392 -5.13 27.19 11.56
C GLU A 392 -4.76 26.23 10.44
N LEU A 393 -5.67 25.32 10.09
CA LEU A 393 -5.49 24.42 8.93
C LEU A 393 -5.26 25.23 7.66
N LYS A 394 -6.16 26.17 7.38
CA LYS A 394 -6.04 27.07 6.23
C LYS A 394 -4.67 27.78 6.21
N ASP A 395 -4.26 28.34 7.35
CA ASP A 395 -2.98 29.06 7.44
C ASP A 395 -1.80 28.17 7.14
N ILE A 396 -1.83 26.95 7.67
CA ILE A 396 -0.76 25.99 7.42
C ILE A 396 -0.69 25.59 5.93
N LEU A 397 -1.84 25.34 5.31
CA LEU A 397 -1.87 24.85 3.94
C LEU A 397 -1.57 25.95 2.94
N GLU A 398 -2.10 27.15 3.20
CA GLU A 398 -1.85 28.31 2.33
C GLU A 398 -0.37 28.73 2.34
N ASP A 399 0.33 28.40 3.42
CA ASP A 399 1.78 28.53 3.49
C ASP A 399 2.43 27.42 2.63
N TRP A 400 2.18 26.16 2.98
CA TRP A 400 2.83 25.01 2.30
C TRP A 400 2.50 24.89 0.83
N LEU A 401 1.31 25.33 0.44
CA LEU A 401 0.90 25.24 -0.95
C LEU A 401 1.41 26.36 -1.87
N GLN A 402 2.21 27.28 -1.31
N GLN A 402 2.19 27.30 -1.32
CA GLN A 402 2.92 28.28 -2.10
CA GLN A 402 2.91 28.33 -2.10
C GLN A 402 4.41 27.99 -2.05
C GLN A 402 4.40 28.09 -2.05
N ALA A 403 5.04 28.02 -3.21
CA ALA A 403 6.49 27.78 -3.30
C ALA A 403 7.32 29.06 -3.17
N THR A 404 6.66 30.22 -3.27
CA THR A 404 7.35 31.51 -3.22
C THR A 404 6.96 32.38 -2.02
N ASN A 405 7.90 33.22 -1.58
CA ASN A 405 7.64 34.18 -0.52
C ASN A 405 7.05 35.49 -1.08
N ALA A 406 6.85 36.47 -0.20
CA ALA A 406 6.22 37.74 -0.53
C ALA A 406 6.96 38.55 -1.61
N SER A 407 8.27 38.35 -1.71
CA SER A 407 9.07 39.00 -2.75
C SER A 407 9.13 38.17 -4.04
N GLY A 408 8.59 36.96 -4.02
CA GLY A 408 8.53 36.16 -5.23
C GLY A 408 9.67 35.19 -5.42
N GLN A 409 10.62 35.16 -4.46
CA GLN A 409 11.69 34.15 -4.44
C GLN A 409 11.17 32.82 -3.91
N LEU A 410 11.85 31.74 -4.30
CA LEU A 410 11.60 30.42 -3.70
C LEU A 410 11.87 30.44 -2.20
N LYS A 411 10.94 29.83 -1.44
CA LYS A 411 11.09 29.64 -0.01
C LYS A 411 12.12 28.55 0.26
N GLY A 412 12.67 28.54 1.49
CA GLY A 412 13.66 27.54 1.91
C GLY A 412 13.11 26.34 2.68
N LYS A 413 11.80 26.36 2.94
CA LYS A 413 11.11 25.35 3.74
C LYS A 413 9.62 25.63 3.62
N ASN A 414 8.80 24.66 4.04
CA ASN A 414 7.32 24.73 3.94
C ASN A 414 6.89 24.92 2.48
N LEU A 415 7.39 24.07 1.59
CA LEU A 415 7.04 24.15 0.18
C LEU A 415 7.13 22.79 -0.49
N PHE A 416 6.52 22.73 -1.67
CA PHE A 416 6.59 21.56 -2.55
C PHE A 416 7.38 21.87 -3.83
N TYR A 417 8.04 20.84 -4.34
CA TYR A 417 8.95 20.96 -5.47
C TYR A 417 8.75 19.77 -6.40
N TYR A 418 8.73 20.02 -7.69
CA TYR A 418 8.65 18.96 -8.68
C TYR A 418 10.03 18.49 -9.13
N ASN A 419 10.42 17.29 -8.71
CA ASN A 419 11.63 16.64 -9.22
C ASN A 419 11.24 16.12 -10.61
N GLU A 420 11.86 16.66 -11.65
CA GLU A 420 11.58 16.30 -13.05
C GLU A 420 12.21 14.96 -13.44
N ASN A 421 13.41 14.70 -12.91
CA ASN A 421 14.19 13.49 -13.22
C ASN A 421 13.34 12.22 -13.09
N TRP A 422 12.76 12.03 -11.90
CA TRP A 422 11.76 10.98 -11.65
C TRP A 422 10.35 11.41 -12.02
N GLY A 423 9.99 12.67 -11.72
CA GLY A 423 8.60 13.14 -11.88
C GLY A 423 7.80 12.88 -10.62
N THR A 424 8.05 13.68 -9.58
CA THR A 424 7.40 13.52 -8.29
C THR A 424 7.39 14.85 -7.52
N ILE A 425 6.31 15.10 -6.78
CA ILE A 425 6.25 16.26 -5.90
C ILE A 425 6.83 15.88 -4.54
N LEU A 426 7.86 16.64 -4.16
CA LEU A 426 8.56 16.48 -2.90
C LEU A 426 8.30 17.69 -2.01
N GLY A 427 8.15 17.41 -0.71
CA GLY A 427 7.93 18.44 0.31
C GLY A 427 9.15 18.66 1.18
N TYR A 428 9.48 19.92 1.40
CA TYR A 428 10.56 20.32 2.32
C TYR A 428 10.03 21.22 3.44
N HIS A 429 10.40 21.01 4.71
CA HIS A 429 11.29 19.93 5.13
C HIS A 429 10.72 18.51 4.94
N ALA A 430 11.63 17.59 4.60
CA ALA A 430 11.33 16.17 4.36
C ALA A 430 11.79 15.34 5.55
N ALA A 431 11.24 14.12 5.67
CA ALA A 431 11.64 13.15 6.69
C ALA A 431 11.23 11.74 6.23
N HIS A 432 11.76 10.72 6.92
CA HIS A 432 11.54 9.30 6.56
C HIS A 432 11.93 8.98 5.10
N SER A 433 12.87 9.78 4.58
CA SER A 433 13.33 9.71 3.18
C SER A 433 12.22 9.93 2.15
N SER A 434 11.25 10.77 2.52
CA SER A 434 10.15 11.15 1.62
C SER A 434 10.67 11.80 0.32
N ALA A 435 11.82 12.48 0.43
CA ALA A 435 12.47 13.16 -0.68
C ALA A 435 13.60 12.32 -1.29
N THR A 436 14.54 11.87 -0.46
CA THR A 436 15.72 11.16 -0.98
C THR A 436 15.44 9.75 -1.53
N ARG A 437 14.37 9.12 -1.05
CA ARG A 437 14.01 7.78 -1.50
C ARG A 437 12.59 7.74 -2.09
N ILE A 438 11.95 8.91 -2.21
CA ILE A 438 10.53 9.01 -2.64
C ILE A 438 9.63 8.11 -1.77
N ASN A 439 9.84 8.15 -0.45
CA ASN A 439 9.11 7.26 0.45
C ASN A 439 7.80 7.90 0.92
N ASP A 440 6.82 7.04 1.21
CA ASP A 440 5.69 7.40 2.08
C ASP A 440 4.84 8.59 1.64
N HIS A 441 4.76 8.87 0.34
CA HIS A 441 4.02 10.05 -0.10
C HIS A 441 2.54 9.97 0.28
N HIS A 442 1.96 8.77 0.22
CA HIS A 442 0.57 8.58 0.70
C HIS A 442 0.45 8.84 2.22
N PHE A 443 1.40 8.33 3.00
CA PHE A 443 1.41 8.54 4.45
C PHE A 443 1.40 10.05 4.78
N HIS A 444 2.33 10.79 4.18
CA HIS A 444 2.48 12.22 4.47
C HIS A 444 1.37 13.06 3.87
N TYR A 445 1.16 12.91 2.54
CA TYR A 445 0.21 13.76 1.82
C TYR A 445 -1.23 13.46 2.20
N GLY A 446 -1.51 12.20 2.59
CA GLY A 446 -2.80 11.82 3.17
C GLY A 446 -3.25 12.72 4.31
N TYR A 447 -2.31 13.15 5.16
CA TYR A 447 -2.61 14.14 6.21
C TYR A 447 -2.96 15.53 5.66
N PHE A 448 -2.26 15.96 4.61
CA PHE A 448 -2.59 17.22 3.90
C PHE A 448 -3.99 17.19 3.27
N VAL A 449 -4.33 16.06 2.67
CA VAL A 449 -5.66 15.89 2.05
C VAL A 449 -6.74 15.89 3.13
N LYS A 450 -6.44 15.31 4.30
CA LYS A 450 -7.36 15.34 5.43
C LYS A 450 -7.70 16.78 5.83
N ALA A 451 -6.66 17.60 6.05
CA ALA A 451 -6.83 19.02 6.38
C ALA A 451 -7.70 19.71 5.32
N ALA A 452 -7.36 19.49 4.05
CA ALA A 452 -8.13 20.05 2.94
C ALA A 452 -9.58 19.57 2.88
N ALA A 453 -9.82 18.29 3.16
CA ALA A 453 -11.17 17.69 3.15
C ALA A 453 -12.06 18.26 4.26
N GLU A 454 -11.47 18.51 5.44
CA GLU A 454 -12.21 19.14 6.54
C GLU A 454 -12.52 20.63 6.24
N ILE A 455 -11.55 21.36 5.67
CA ILE A 455 -11.78 22.74 5.20
C ILE A 455 -12.91 22.76 4.19
N ALA A 456 -12.84 21.87 3.19
CA ALA A 456 -13.83 21.79 2.12
C ALA A 456 -15.24 21.46 2.60
N ARG A 457 -15.35 20.62 3.65
CA ARG A 457 -16.61 20.25 4.27
C ARG A 457 -17.40 21.47 4.79
N ALA A 458 -16.66 22.47 5.27
CA ALA A 458 -17.22 23.73 5.77
C ALA A 458 -17.11 24.90 4.77
N ASP A 459 -16.18 24.80 3.81
CA ASP A 459 -15.92 25.91 2.90
C ASP A 459 -15.55 25.40 1.49
N GLN A 460 -16.57 25.27 0.65
CA GLN A 460 -16.42 24.81 -0.73
C GLN A 460 -15.61 25.76 -1.60
N GLU A 461 -15.68 27.05 -1.27
CA GLU A 461 -15.04 28.10 -2.05
C GLU A 461 -13.51 27.99 -2.00
N TRP A 462 -12.97 27.81 -0.80
CA TRP A 462 -11.53 27.58 -0.55
C TRP A 462 -10.99 26.42 -1.41
N ALA A 463 -11.82 25.38 -1.58
CA ALA A 463 -11.44 24.09 -2.19
C ALA A 463 -11.50 24.08 -3.72
N LYS A 464 -12.04 25.14 -4.31
CA LYS A 464 -12.10 25.29 -5.76
C LYS A 464 -10.69 25.25 -6.37
N SER A 465 -10.57 24.71 -7.59
CA SER A 465 -9.29 24.55 -8.28
C SER A 465 -8.46 25.82 -8.39
N GLU A 466 -9.12 26.91 -8.78
CA GLU A 466 -8.51 28.22 -8.97
C GLU A 466 -8.08 28.82 -7.64
N ASN A 467 -8.57 28.25 -6.55
CA ASN A 467 -8.13 28.67 -5.24
C ASN A 467 -7.05 27.73 -4.73
N TRP A 468 -7.33 26.97 -3.66
CA TRP A 468 -6.35 26.05 -3.08
C TRP A 468 -6.54 24.58 -3.50
N GLY A 469 -7.65 24.30 -4.18
CA GLY A 469 -7.98 22.97 -4.68
C GLY A 469 -6.98 22.37 -5.66
N GLY A 470 -6.51 23.19 -6.60
CA GLY A 470 -5.54 22.76 -7.60
C GLY A 470 -4.28 22.14 -7.01
N MET A 471 -3.72 22.78 -5.99
CA MET A 471 -2.51 22.27 -5.32
C MET A 471 -2.75 20.97 -4.55
N ILE A 472 -3.90 20.87 -3.88
CA ILE A 472 -4.33 19.62 -3.24
C ILE A 472 -4.46 18.48 -4.28
N ASP A 473 -5.15 18.74 -5.38
N ASP A 473 -5.18 18.76 -5.36
CA ASP A 473 -5.29 17.75 -6.44
CA ASP A 473 -5.32 17.87 -6.53
C ASP A 473 -3.95 17.37 -7.11
C ASP A 473 -3.95 17.35 -6.99
N LEU A 474 -2.97 18.26 -7.01
CA LEU A 474 -1.62 17.97 -7.47
C LEU A 474 -0.91 17.01 -6.50
N LEU A 475 -1.03 17.26 -5.20
CA LEU A 475 -0.52 16.32 -4.18
C LEU A 475 -1.10 14.93 -4.36
N ILE A 476 -2.41 14.88 -4.64
CA ILE A 476 -3.14 13.63 -4.83
C ILE A 476 -2.62 12.88 -6.08
N ARG A 477 -2.47 13.64 -7.17
CA ARG A 477 -1.94 13.11 -8.40
C ARG A 477 -0.56 12.50 -8.21
N ASP A 478 0.27 13.12 -7.39
CA ASP A 478 1.60 12.57 -7.14
C ASP A 478 1.52 11.11 -6.63
N PHE A 479 0.63 10.85 -5.66
CA PHE A 479 0.62 9.54 -5.00
C PHE A 479 -0.38 8.52 -5.56
N MET A 480 -1.36 9.01 -6.33
CA MET A 480 -2.34 8.13 -6.98
C MET A 480 -2.87 8.68 -8.33
N ALA A 481 -1.95 9.07 -9.23
CA ALA A 481 -2.35 9.53 -10.57
C ALA A 481 -3.13 8.48 -11.35
N ASP A 482 -4.01 8.97 -12.21
CA ASP A 482 -4.64 8.16 -13.24
C ASP A 482 -3.61 7.89 -14.35
N ARG A 483 -4.00 7.06 -15.34
CA ARG A 483 -3.19 6.81 -16.54
C ARG A 483 -3.01 8.10 -17.33
N ASP A 484 -1.92 8.17 -18.10
CA ASP A 484 -1.60 9.31 -18.98
C ASP A 484 -1.55 10.65 -18.23
N ASP A 485 -1.07 10.62 -17.00
CA ASP A 485 -0.79 11.85 -16.27
C ASP A 485 0.57 12.36 -16.75
N ASP A 486 0.60 13.61 -17.20
CA ASP A 486 1.83 14.22 -17.74
C ASP A 486 2.98 14.35 -16.76
N LEU A 487 2.65 14.41 -15.48
CA LEU A 487 3.64 14.70 -14.45
C LEU A 487 4.01 13.49 -13.58
N PHE A 488 3.11 12.51 -13.53
CA PHE A 488 3.22 11.41 -12.58
C PHE A 488 2.95 10.01 -13.17
N PRO A 489 3.69 8.99 -12.69
CA PRO A 489 3.39 7.61 -13.11
C PRO A 489 2.04 7.15 -12.53
N TYR A 490 1.47 6.09 -13.11
CA TYR A 490 0.18 5.56 -12.71
C TYR A 490 0.17 5.02 -11.27
N LEU A 491 -0.77 5.50 -10.45
CA LEU A 491 -1.03 4.99 -9.10
C LEU A 491 0.25 4.69 -8.34
N ARG A 492 1.09 5.72 -8.16
CA ARG A 492 2.47 5.54 -7.68
C ARG A 492 2.58 4.49 -6.56
N MET A 493 1.79 4.68 -5.52
CA MET A 493 1.93 3.93 -4.29
C MET A 493 1.47 2.48 -4.48
N PHE A 494 0.44 2.30 -5.29
CA PHE A 494 -0.31 1.05 -5.29
C PHE A 494 0.28 -0.01 -6.23
N ASP A 495 0.23 -1.25 -5.78
CA ASP A 495 0.52 -2.41 -6.57
C ASP A 495 -0.82 -3.11 -6.74
N PRO A 496 -1.46 -2.96 -7.93
CA PRO A 496 -2.82 -3.46 -8.12
C PRO A 496 -2.95 -4.97 -7.98
N TYR A 497 -1.85 -5.70 -8.20
CA TYR A 497 -1.83 -7.16 -8.15
C TYR A 497 -1.52 -7.72 -6.76
N SER A 498 -0.45 -7.25 -6.12
CA SER A 498 -0.18 -7.61 -4.71
C SER A 498 -1.30 -7.10 -3.79
N GLY A 499 -2.00 -6.06 -4.25
CA GLY A 499 -3.20 -5.53 -3.60
C GLY A 499 -2.98 -4.54 -2.47
N ASN A 500 -1.72 -4.14 -2.27
CA ASN A 500 -1.35 -3.18 -1.24
C ASN A 500 -0.48 -2.09 -1.85
N SER A 501 -0.31 -0.98 -1.14
CA SER A 501 0.71 -0.02 -1.50
C SER A 501 2.07 -0.37 -0.93
N TRP A 502 3.11 0.13 -1.59
CA TRP A 502 4.50 -0.07 -1.18
C TRP A 502 5.09 1.29 -0.80
N ALA A 503 5.71 1.34 0.37
CA ALA A 503 6.10 2.61 0.98
C ALA A 503 7.44 3.16 0.48
N ASP A 504 8.35 2.28 0.09
CA ASP A 504 9.67 2.73 -0.33
C ASP A 504 9.69 3.07 -1.81
N GLY A 505 10.19 4.24 -2.15
CA GLY A 505 10.22 4.70 -3.53
C GLY A 505 11.20 3.92 -4.39
N LEU A 506 12.31 3.49 -3.78
CA LEU A 506 13.41 2.82 -4.50
C LEU A 506 13.39 1.30 -4.47
N ALA A 507 12.90 0.71 -3.36
CA ALA A 507 12.85 -0.77 -3.13
C ALA A 507 14.24 -1.46 -3.13
N THR A 508 15.27 -0.71 -2.75
CA THR A 508 16.63 -1.24 -2.70
C THR A 508 16.89 -1.99 -1.39
N PHE A 509 16.20 -3.12 -1.25
CA PHE A 509 16.36 -4.04 -0.13
C PHE A 509 16.31 -5.44 -0.73
N ASP A 510 17.01 -6.38 -0.07
CA ASP A 510 16.96 -7.79 -0.49
C ASP A 510 15.65 -8.50 -0.13
N ALA A 511 14.76 -7.80 0.56
CA ALA A 511 13.43 -8.33 0.88
C ALA A 511 12.34 -7.77 -0.06
N GLY A 512 12.77 -6.98 -1.05
CA GLY A 512 11.84 -6.31 -1.96
C GLY A 512 11.35 -4.99 -1.38
N ASN A 513 10.14 -4.59 -1.76
CA ASN A 513 9.57 -3.38 -1.15
C ASN A 513 8.90 -3.72 0.19
N ASN A 514 8.50 -2.69 0.93
CA ASN A 514 7.84 -2.86 2.22
C ASN A 514 6.68 -1.89 2.45
N GLN A 515 5.80 -2.24 3.37
CA GLN A 515 4.84 -1.30 3.96
C GLN A 515 4.66 -1.62 5.44
N GLU A 516 4.84 -0.59 6.28
CA GLU A 516 4.64 -0.69 7.72
C GLU A 516 3.22 -0.28 8.06
N SER A 517 2.87 1.01 7.94
CA SER A 517 1.54 1.46 8.35
C SER A 517 0.48 1.39 7.27
N SER A 518 -0.20 0.25 7.20
CA SER A 518 -1.30 0.06 6.25
C SER A 518 -2.48 0.97 6.57
N SER A 519 -2.64 1.30 7.86
CA SER A 519 -3.67 2.27 8.31
C SER A 519 -3.44 3.72 7.83
N GLU A 520 -2.19 4.16 7.74
CA GLU A 520 -1.92 5.47 7.16
C GLU A 520 -2.14 5.50 5.64
N ALA A 521 -1.96 4.34 4.99
CA ALA A 521 -2.36 4.16 3.60
C ALA A 521 -3.88 4.28 3.49
N MET A 522 -4.62 3.50 4.30
CA MET A 522 -6.10 3.58 4.32
C MET A 522 -6.65 4.97 4.65
N HIS A 523 -5.91 5.68 5.52
CA HIS A 523 -6.15 7.08 5.86
C HIS A 523 -6.04 7.97 4.61
N ALA A 524 -4.95 7.78 3.84
CA ALA A 524 -4.77 8.53 2.60
C ALA A 524 -5.96 8.32 1.65
N TRP A 525 -6.33 7.05 1.45
CA TRP A 525 -7.43 6.72 0.54
C TRP A 525 -8.78 7.29 1.00
N THR A 526 -9.07 7.18 2.30
CA THR A 526 -10.27 7.78 2.90
C THR A 526 -10.36 9.28 2.61
N ASN A 527 -9.24 9.97 2.85
CA ASN A 527 -9.19 11.42 2.69
C ASN A 527 -9.39 11.89 1.26
N VAL A 528 -8.93 11.09 0.29
CA VAL A 528 -9.20 11.41 -1.11
C VAL A 528 -10.68 11.19 -1.44
N ILE A 529 -11.29 10.15 -0.84
CA ILE A 529 -12.75 9.92 -1.01
C ILE A 529 -13.51 11.15 -0.52
N LEU A 530 -13.19 11.59 0.70
CA LEU A 530 -13.85 12.75 1.33
C LEU A 530 -13.66 14.04 0.52
N TRP A 531 -12.41 14.31 0.14
CA TRP A 531 -12.03 15.49 -0.64
C TRP A 531 -12.78 15.52 -1.97
N ALA A 532 -12.76 14.40 -2.67
CA ALA A 532 -13.38 14.32 -3.99
C ALA A 532 -14.89 14.44 -3.94
N GLU A 533 -15.48 13.88 -2.89
CA GLU A 533 -16.92 13.99 -2.66
C GLU A 533 -17.27 15.44 -2.35
N ALA A 534 -16.49 16.08 -1.47
CA ALA A 534 -16.69 17.49 -1.12
C ALA A 534 -16.61 18.43 -2.32
N THR A 535 -15.71 18.11 -3.26
CA THR A 535 -15.40 18.98 -4.38
C THR A 535 -16.07 18.52 -5.68
N GLY A 536 -16.90 17.49 -5.61
CA GLY A 536 -17.67 17.00 -6.76
C GLY A 536 -16.86 16.32 -7.86
N ASN A 537 -15.77 15.66 -7.48
CA ASN A 537 -14.88 14.97 -8.42
C ASN A 537 -15.13 13.46 -8.37
N LYS A 538 -16.07 13.01 -9.19
CA LYS A 538 -16.54 11.63 -9.19
C LYS A 538 -15.44 10.64 -9.57
N ALA A 539 -14.70 10.92 -10.65
CA ALA A 539 -13.65 10.00 -11.14
C ALA A 539 -12.53 9.77 -10.11
N LEU A 540 -12.12 10.85 -9.44
CA LEU A 540 -11.13 10.78 -8.38
C LEU A 540 -11.63 10.00 -7.17
N ARG A 541 -12.88 10.26 -6.78
CA ARG A 541 -13.50 9.57 -5.67
C ARG A 541 -13.50 8.05 -5.87
N ASP A 542 -13.90 7.63 -7.07
CA ASP A 542 -14.09 6.21 -7.36
C ASP A 542 -12.76 5.48 -7.37
N ARG A 543 -11.72 6.17 -7.82
CA ARG A 543 -10.38 5.64 -7.79
C ARG A 543 -9.92 5.40 -6.35
N ALA A 544 -10.12 6.38 -5.47
CA ALA A 544 -9.79 6.22 -4.06
C ALA A 544 -10.65 5.15 -3.39
N ILE A 545 -11.92 5.02 -3.80
CA ILE A 545 -12.79 3.91 -3.35
C ILE A 545 -12.21 2.54 -3.74
N TYR A 546 -11.75 2.43 -4.98
CA TYR A 546 -11.13 1.20 -5.48
C TYR A 546 -9.86 0.86 -4.67
N LEU A 547 -9.03 1.88 -4.42
CA LEU A 547 -7.82 1.74 -3.61
C LEU A 547 -8.13 1.35 -2.17
N TYR A 548 -9.06 2.06 -1.53
CA TYR A 548 -9.47 1.78 -0.16
C TYR A 548 -9.94 0.32 0.00
N THR A 549 -10.78 -0.12 -0.94
CA THR A 549 -11.45 -1.42 -0.87
C THR A 549 -10.46 -2.54 -1.15
N THR A 550 -9.61 -2.36 -2.15
CA THR A 550 -8.57 -3.36 -2.47
C THR A 550 -7.52 -3.43 -1.37
N GLU A 551 -7.00 -2.29 -0.92
CA GLU A 551 -6.03 -2.23 0.19
C GLU A 551 -6.58 -2.97 1.43
N MET A 552 -7.85 -2.74 1.74
CA MET A 552 -8.52 -3.43 2.84
C MET A 552 -8.40 -4.96 2.72
N SER A 553 -8.59 -5.49 1.51
CA SER A 553 -8.52 -6.94 1.26
C SER A 553 -7.10 -7.49 1.53
N ALA A 554 -6.07 -6.75 1.11
CA ALA A 554 -4.70 -7.17 1.41
C ALA A 554 -4.37 -7.07 2.93
N ILE A 555 -4.90 -6.03 3.58
CA ILE A 555 -4.65 -5.84 5.02
C ILE A 555 -5.17 -7.02 5.85
N ASN A 556 -6.43 -7.39 5.60
CA ASN A 556 -7.08 -8.48 6.31
C ASN A 556 -6.38 -9.83 6.09
N GLU A 557 -5.73 -10.02 4.92
CA GLU A 557 -4.92 -11.21 4.69
C GLU A 557 -3.52 -11.15 5.33
N TYR A 558 -2.73 -10.15 4.93
CA TYR A 558 -1.27 -10.20 5.14
C TYR A 558 -0.75 -9.43 6.32
N PHE A 559 -1.54 -8.45 6.79
CA PHE A 559 -1.25 -7.79 8.05
C PHE A 559 -1.93 -8.50 9.23
N PHE A 560 -3.20 -8.84 9.06
CA PHE A 560 -4.02 -9.36 10.15
C PHE A 560 -4.20 -10.88 10.12
N ASP A 561 -4.10 -11.49 8.93
CA ASP A 561 -4.47 -12.92 8.73
C ASP A 561 -5.76 -13.28 9.48
N VAL A 562 -6.81 -12.50 9.24
CA VAL A 562 -8.11 -12.74 9.86
C VAL A 562 -8.62 -14.19 9.70
N HIS A 563 -8.24 -14.84 8.59
CA HIS A 563 -8.71 -16.19 8.32
C HIS A 563 -7.83 -17.28 8.95
N GLN A 564 -6.75 -16.89 9.63
CA GLN A 564 -5.80 -17.82 10.30
C GLN A 564 -5.36 -18.92 9.35
N GLU A 565 -4.83 -18.50 8.20
CA GLU A 565 -4.40 -19.42 7.16
C GLU A 565 -3.01 -19.12 6.63
N ILE A 566 -2.50 -17.92 6.94
CA ILE A 566 -1.28 -17.40 6.31
C ILE A 566 -0.07 -17.42 7.26
N PHE A 567 -0.23 -16.96 8.50
CA PHE A 567 0.92 -16.93 9.41
C PHE A 567 1.23 -18.39 9.83
N PRO A 568 2.55 -18.75 9.91
CA PRO A 568 2.89 -20.09 10.42
C PRO A 568 2.38 -20.22 11.86
N GLU A 569 1.92 -21.41 12.22
CA GLU A 569 1.36 -21.67 13.57
C GLU A 569 2.32 -21.25 14.70
N GLU A 570 3.61 -21.48 14.49
CA GLU A 570 4.66 -21.12 15.47
C GLU A 570 4.90 -19.62 15.61
N TYR A 571 4.34 -18.80 14.73
CA TYR A 571 4.46 -17.34 14.84
C TYR A 571 3.52 -16.88 15.96
N GLY A 572 4.10 -16.34 17.03
CA GLY A 572 3.36 -15.92 18.22
C GLY A 572 2.41 -14.72 18.06
N PRO A 573 2.87 -13.60 17.44
CA PRO A 573 1.96 -12.44 17.41
C PRO A 573 0.71 -12.64 16.54
N GLU A 574 -0.26 -11.74 16.75
CA GLU A 574 -1.51 -11.76 15.99
C GLU A 574 -1.57 -10.65 14.93
N ILE A 575 -0.41 -10.17 14.53
CA ILE A 575 -0.25 -9.13 13.50
C ILE A 575 1.18 -9.20 12.94
N VAL A 576 1.29 -8.85 11.66
CA VAL A 576 2.57 -8.56 11.01
C VAL A 576 2.56 -7.06 10.85
N THR A 577 3.62 -6.44 11.37
CA THR A 577 3.78 -4.99 11.42
C THR A 577 4.29 -4.42 10.08
N ILE A 578 5.28 -5.09 9.50
CA ILE A 578 5.86 -4.69 8.22
C ILE A 578 5.81 -5.90 7.29
N ASN A 579 5.07 -5.73 6.19
CA ASN A 579 5.04 -6.67 5.09
C ASN A 579 6.06 -6.31 4.03
N TRP A 580 6.86 -7.30 3.65
CA TRP A 580 7.84 -7.14 2.57
C TRP A 580 7.45 -8.03 1.40
N GLY A 581 8.06 -7.81 0.23
CA GLY A 581 7.97 -8.79 -0.85
C GLY A 581 8.32 -10.20 -0.39
N GLY A 582 9.38 -10.32 0.42
CA GLY A 582 9.93 -11.63 0.75
C GLY A 582 9.86 -12.13 2.17
N LYS A 583 9.35 -11.30 3.08
CA LYS A 583 9.36 -11.60 4.50
C LYS A 583 8.29 -10.80 5.26
N MET A 584 8.05 -11.18 6.51
CA MET A 584 7.09 -10.52 7.40
C MET A 584 7.75 -10.30 8.75
N ASP A 585 7.63 -9.08 9.27
CA ASP A 585 8.21 -8.70 10.55
C ASP A 585 7.18 -8.21 11.56
N HIS A 586 7.28 -8.73 12.78
CA HIS A 586 6.73 -8.06 13.95
C HIS A 586 7.88 -7.21 14.47
N ALA A 587 8.02 -6.01 13.89
CA ALA A 587 9.13 -5.08 14.17
C ALA A 587 8.72 -3.72 13.59
N THR A 588 9.37 -2.65 14.03
CA THR A 588 9.08 -1.32 13.52
C THR A 588 10.31 -0.68 12.88
N TRP A 589 10.11 0.35 12.07
CA TRP A 589 11.23 1.09 11.47
C TRP A 589 12.08 1.90 12.47
N TRP A 590 11.56 2.09 13.68
CA TRP A 590 12.26 2.73 14.79
C TRP A 590 12.24 1.75 15.97
N ASN A 591 13.12 2.00 16.95
CA ASN A 591 13.17 1.19 18.17
C ASN A 591 11.95 1.48 19.04
N SER A 592 11.07 0.49 19.21
CA SER A 592 9.77 0.70 19.84
C SER A 592 9.49 -0.36 20.88
N GLY A 593 8.37 -0.21 21.58
CA GLY A 593 7.88 -1.21 22.52
C GLY A 593 6.82 -2.13 21.94
N LYS A 594 6.07 -2.77 22.84
CA LYS A 594 5.08 -3.79 22.51
C LYS A 594 3.81 -3.27 21.83
N VAL A 595 3.22 -2.19 22.34
CA VAL A 595 1.97 -1.63 21.76
C VAL A 595 2.15 -1.19 20.30
N GLU A 596 3.26 -0.49 20.04
CA GLU A 596 3.52 0.14 18.73
C GLU A 596 3.60 -0.86 17.57
N LYS A 597 4.07 -2.07 17.87
CA LYS A 597 4.16 -3.13 16.85
C LYS A 597 2.76 -3.64 16.42
N TYR A 598 1.74 -3.29 17.19
CA TYR A 598 0.34 -3.49 16.78
C TYR A 598 -0.24 -2.20 16.22
N ALA A 599 -0.18 -1.15 17.02
CA ALA A 599 -0.93 0.09 16.80
C ALA A 599 -0.48 0.94 15.61
N ILE A 600 0.75 0.72 15.14
CA ILE A 600 1.22 1.38 13.91
C ILE A 600 0.34 1.01 12.70
N ASN A 601 -0.35 -0.14 12.79
CA ASN A 601 -1.32 -0.55 11.78
C ASN A 601 -2.78 -0.23 12.14
N TRP A 602 -2.96 0.56 13.21
CA TRP A 602 -4.28 1.07 13.55
C TRP A 602 -4.39 2.59 13.39
N LEU A 603 -3.32 3.33 13.67
CA LEU A 603 -3.35 4.80 13.70
C LEU A 603 -3.27 5.40 12.29
N PRO A 604 -3.82 6.61 12.09
CA PRO A 604 -4.60 7.35 13.11
C PRO A 604 -6.05 6.88 13.09
N PHE A 605 -6.77 7.10 14.19
CA PHE A 605 -8.23 6.86 14.22
C PHE A 605 -8.99 8.00 13.58
N HIS A 606 -9.89 7.66 12.66
CA HIS A 606 -10.63 8.67 11.88
C HIS A 606 -11.91 8.06 11.33
N GLY A 607 -12.67 8.84 10.57
CA GLY A 607 -13.98 8.41 10.03
C GLY A 607 -13.93 7.27 9.01
N GLY A 608 -12.71 6.95 8.54
CA GLY A 608 -12.45 5.84 7.65
C GLY A 608 -11.85 4.61 8.33
N SER A 609 -11.74 4.64 9.67
CA SER A 609 -11.11 3.54 10.43
C SER A 609 -12.00 2.32 10.66
N LEU A 610 -13.28 2.38 10.29
CA LEU A 610 -14.22 1.31 10.68
C LEU A 610 -13.93 -0.04 10.03
N TYR A 611 -13.17 -0.01 8.93
CA TYR A 611 -12.67 -1.24 8.32
C TYR A 611 -11.96 -2.14 9.34
N LEU A 612 -11.31 -1.53 10.33
CA LEU A 612 -10.58 -2.27 11.39
C LEU A 612 -11.49 -3.16 12.24
N GLY A 613 -12.80 -2.91 12.17
CA GLY A 613 -13.77 -3.60 13.02
C GLY A 613 -14.64 -4.59 12.30
N HIS A 614 -14.32 -4.90 11.04
CA HIS A 614 -15.11 -5.86 10.25
C HIS A 614 -15.04 -7.29 10.76
N HIS A 615 -13.92 -7.65 11.40
CA HIS A 615 -13.70 -9.01 11.93
C HIS A 615 -13.56 -9.06 13.47
N PRO A 616 -14.71 -9.11 14.19
CA PRO A 616 -14.67 -9.00 15.65
C PRO A 616 -13.80 -10.05 16.36
N ASP A 617 -13.80 -11.29 15.89
CA ASP A 617 -12.95 -12.34 16.49
C ASP A 617 -11.48 -12.04 16.33
N TYR A 618 -11.11 -11.48 15.17
CA TYR A 618 -9.76 -10.98 14.97
C TYR A 618 -9.41 -9.88 15.99
N VAL A 619 -10.27 -8.86 16.09
CA VAL A 619 -10.08 -7.72 17.03
C VAL A 619 -9.84 -8.24 18.47
N ASP A 620 -10.65 -9.22 18.90
CA ASP A 620 -10.48 -9.89 20.20
C ASP A 620 -9.18 -10.67 20.30
N ARG A 621 -8.93 -11.54 19.32
CA ARG A 621 -7.72 -12.33 19.27
C ARG A 621 -6.48 -11.42 19.35
N ALA A 622 -6.42 -10.40 18.49
CA ALA A 622 -5.26 -9.51 18.47
C ALA A 622 -5.08 -8.77 19.81
N TYR A 623 -6.17 -8.18 20.29
CA TYR A 623 -6.15 -7.47 21.58
C TYR A 623 -5.65 -8.34 22.72
N GLU A 624 -6.20 -9.55 22.81
CA GLU A 624 -5.95 -10.44 23.93
C GLU A 624 -4.48 -10.87 23.96
N GLU A 625 -3.89 -11.02 22.76
CA GLU A 625 -2.49 -11.43 22.63
C GLU A 625 -1.58 -10.32 23.08
N LEU A 626 -1.88 -9.08 22.69
CA LEU A 626 -1.11 -7.94 23.16
C LEU A 626 -1.26 -7.76 24.68
N ARG A 627 -2.48 -7.97 25.19
CA ARG A 627 -2.72 -7.92 26.63
C ARG A 627 -1.93 -9.00 27.35
N ARG A 628 -1.96 -10.23 26.84
CA ARG A 628 -1.15 -11.32 27.36
C ARG A 628 0.32 -10.90 27.43
N ASP A 629 0.85 -10.35 26.35
CA ASP A 629 2.26 -9.95 26.29
C ASP A 629 2.64 -8.81 27.22
N ILE A 630 1.76 -7.81 27.31
CA ILE A 630 1.92 -6.69 28.25
C ILE A 630 1.89 -7.21 29.70
N GLY A 631 1.00 -8.17 29.97
CA GLY A 631 0.84 -8.75 31.30
C GLY A 631 -0.27 -8.12 32.13
N SER A 632 -0.90 -7.07 31.58
CA SER A 632 -1.97 -6.29 32.24
C SER A 632 -2.57 -5.33 31.21
N THR A 633 -3.32 -4.31 31.65
CA THR A 633 -3.77 -3.27 30.73
C THR A 633 -2.95 -1.99 30.91
N ASP A 634 -1.80 -2.12 31.58
CA ASP A 634 -0.84 -1.03 31.69
C ASP A 634 0.03 -0.93 30.41
N TRP A 635 -0.48 -0.22 29.41
CA TRP A 635 0.15 -0.15 28.08
C TRP A 635 1.45 0.61 28.15
N ASN A 636 2.49 0.06 27.52
CA ASN A 636 3.81 0.68 27.53
C ASN A 636 3.79 2.06 26.88
N LEU A 637 2.97 2.24 25.84
CA LEU A 637 2.88 3.51 25.12
C LEU A 637 1.56 3.53 24.37
N TRP A 638 1.14 4.73 23.96
CA TRP A 638 -0.07 4.93 23.13
C TRP A 638 -1.35 4.27 23.68
N SER A 639 -1.55 4.33 25.01
CA SER A 639 -2.70 3.67 25.66
C SER A 639 -4.03 3.96 24.97
N ASN A 640 -4.22 5.21 24.56
CA ASN A 640 -5.49 5.70 23.99
C ASN A 640 -5.82 4.96 22.71
N LEU A 641 -4.79 4.60 21.94
CA LEU A 641 -4.97 3.86 20.70
C LEU A 641 -5.46 2.46 21.01
N VAL A 642 -4.93 1.85 22.08
CA VAL A 642 -5.37 0.53 22.52
C VAL A 642 -6.85 0.57 22.95
N TRP A 643 -7.22 1.60 23.74
CA TRP A 643 -8.60 1.74 24.20
C TRP A 643 -9.58 1.88 23.03
N MET A 644 -9.19 2.70 22.04
CA MET A 644 -10.01 2.95 20.87
C MET A 644 -10.17 1.67 20.06
N TYR A 645 -9.09 0.90 19.92
CA TYR A 645 -9.14 -0.38 19.24
C TYR A 645 -10.05 -1.35 20.02
N ARG A 646 -9.86 -1.40 21.34
CA ARG A 646 -10.63 -2.30 22.21
C ARG A 646 -12.15 -2.03 22.11
N ALA A 647 -12.51 -0.77 21.90
CA ALA A 647 -13.91 -0.35 21.75
C ALA A 647 -14.67 -1.00 20.57
N PHE A 648 -13.94 -1.58 19.62
CA PHE A 648 -14.56 -2.26 18.46
C PHE A 648 -15.40 -3.48 18.86
N THR A 649 -14.99 -4.16 19.94
CA THR A 649 -15.67 -5.37 20.41
C THR A 649 -16.13 -5.30 21.86
N ASN A 650 -15.45 -4.49 22.68
CA ASN A 650 -15.77 -4.40 24.10
C ASN A 650 -15.63 -2.94 24.60
N PRO A 651 -16.63 -2.09 24.29
CA PRO A 651 -16.46 -0.70 24.70
C PRO A 651 -16.60 -0.44 26.21
N ASP A 652 -17.21 -1.37 26.97
CA ASP A 652 -17.25 -1.28 28.44
C ASP A 652 -15.85 -1.34 29.05
N ASP A 653 -15.04 -2.26 28.52
CA ASP A 653 -13.68 -2.47 28.96
C ASP A 653 -12.82 -1.27 28.56
N ALA A 654 -13.03 -0.80 27.33
CA ALA A 654 -12.33 0.37 26.80
C ALA A 654 -12.64 1.61 27.66
N LEU A 655 -13.91 1.77 28.02
CA LEU A 655 -14.36 2.88 28.87
C LEU A 655 -13.70 2.82 30.25
N GLN A 656 -13.69 1.62 30.83
CA GLN A 656 -13.13 1.42 32.16
C GLN A 656 -11.63 1.82 32.17
N GLN A 657 -10.86 1.32 31.21
CA GLN A 657 -9.43 1.64 31.10
C GLN A 657 -9.21 3.13 30.91
N MET A 658 -10.04 3.72 30.04
CA MET A 658 -10.02 5.16 29.75
C MET A 658 -10.27 5.97 31.01
N GLU A 659 -11.36 5.66 31.73
CA GLU A 659 -11.72 6.39 32.98
C GLU A 659 -10.60 6.35 34.00
N ALA A 660 -9.94 5.21 34.11
CA ALA A 660 -8.86 5.00 35.05
C ALA A 660 -7.62 5.84 34.75
N SER A 661 -7.38 6.16 33.47
CA SER A 661 -6.07 6.70 33.09
C SER A 661 -6.00 7.92 32.16
N ILE A 662 -7.10 8.27 31.50
CA ILE A 662 -7.07 9.36 30.50
C ILE A 662 -6.50 10.69 31.03
N ASP A 663 -6.82 11.00 32.30
CA ASP A 663 -6.42 12.25 32.91
C ASP A 663 -5.17 12.12 33.78
N ASP A 664 -4.42 11.03 33.58
CA ASP A 664 -3.14 10.83 34.24
C ASP A 664 -2.13 11.95 34.01
N TYR A 665 -2.19 12.56 32.83
CA TYR A 665 -1.37 13.72 32.55
C TYR A 665 -2.24 14.83 31.97
N GLY A 666 -1.72 16.05 31.98
CA GLY A 666 -2.48 17.23 31.66
C GLY A 666 -2.52 17.59 30.18
N LEU A 667 -1.85 18.69 29.85
CA LEU A 667 -1.82 19.25 28.49
C LEU A 667 -0.75 18.58 27.63
N PHE A 668 -0.78 18.87 26.33
CA PHE A 668 0.12 18.26 25.35
C PHE A 668 1.58 18.29 25.82
N ASP A 669 2.18 17.11 25.83
CA ASP A 669 3.56 16.93 26.26
C ASP A 669 4.26 16.03 25.24
N PRO A 670 5.11 16.62 24.38
CA PRO A 670 5.83 15.87 23.34
C PRO A 670 6.68 14.75 23.88
N GLY A 671 7.27 14.94 25.06
CA GLY A 671 8.11 13.92 25.68
C GLY A 671 7.38 12.72 26.28
N ASN A 672 6.05 12.72 26.25
CA ASN A 672 5.29 11.65 26.91
C ASN A 672 4.07 11.18 26.09
N GLU A 673 4.19 10.02 25.46
CA GLU A 673 3.09 9.43 24.69
C GLU A 673 2.55 8.14 25.35
N LYS A 674 2.86 7.97 26.64
CA LYS A 674 2.34 6.85 27.46
C LYS A 674 0.83 6.70 27.35
N ILE A 675 0.12 7.81 27.55
CA ILE A 675 -1.34 7.84 27.56
C ILE A 675 -1.91 8.27 26.21
N ILE A 676 -1.50 9.44 25.72
CA ILE A 676 -1.99 9.98 24.45
C ILE A 676 -0.87 9.97 23.40
N GLU A 677 -1.09 9.19 22.34
CA GLU A 677 -0.19 9.14 21.18
C GLU A 677 -0.18 10.54 20.56
N ARG A 678 0.97 10.98 20.04
CA ARG A 678 1.19 12.41 19.72
C ARG A 678 0.36 12.94 18.54
N GLY A 679 -0.15 12.03 17.70
CA GLY A 679 -1.09 12.38 16.61
C GLY A 679 -2.56 12.37 17.03
N SER A 680 -2.79 11.98 18.29
CA SER A 680 -4.12 11.81 18.91
C SER A 680 -4.42 12.85 20.00
N THR A 681 -5.68 12.93 20.44
CA THR A 681 -6.04 13.78 21.58
C THR A 681 -6.96 13.06 22.55
N LYS A 682 -7.04 13.61 23.76
CA LYS A 682 -8.05 13.21 24.76
C LYS A 682 -9.46 13.33 24.17
N ALA A 683 -9.76 14.48 23.56
CA ALA A 683 -11.08 14.73 22.95
C ALA A 683 -11.47 13.68 21.92
N GLN A 684 -10.55 13.35 21.01
CA GLN A 684 -10.75 12.29 20.04
C GLN A 684 -11.02 10.93 20.72
N THR A 685 -10.17 10.58 21.67
CA THR A 685 -10.25 9.32 22.43
C THR A 685 -11.61 9.18 23.12
N TYR A 686 -11.98 10.25 23.83
CA TYR A 686 -13.22 10.32 24.61
C TYR A 686 -14.45 10.24 23.71
N HIS A 687 -14.46 11.03 22.62
CA HIS A 687 -15.53 11.03 21.60
C HIS A 687 -15.74 9.66 20.93
N TRP A 688 -14.63 9.03 20.51
CA TRP A 688 -14.64 7.73 19.80
C TRP A 688 -15.23 6.61 20.67
N ILE A 689 -14.70 6.43 21.88
CA ILE A 689 -15.09 5.33 22.76
C ILE A 689 -16.57 5.42 23.16
N HIS A 690 -17.03 6.63 23.51
CA HIS A 690 -18.45 6.83 23.84
C HIS A 690 -19.39 6.62 22.65
N ASN A 691 -18.91 6.98 21.46
CA ASN A 691 -19.70 6.74 20.25
C ASN A 691 -19.88 5.24 20.00
N LEU A 692 -18.77 4.49 20.10
CA LEU A 692 -18.79 3.05 19.92
C LEU A 692 -19.64 2.35 20.98
N ALA A 693 -19.61 2.88 22.21
CA ALA A 693 -20.45 2.38 23.31
C ALA A 693 -21.97 2.47 22.99
N GLU A 694 -22.44 3.60 22.46
CA GLU A 694 -23.84 3.72 22.01
C GLU A 694 -24.17 2.95 20.70
N LEU A 695 -23.25 2.94 19.74
CA LEU A 695 -23.52 2.38 18.41
C LEU A 695 -23.42 0.85 18.38
N GLY A 696 -22.52 0.31 19.21
CA GLY A 696 -22.21 -1.12 19.16
C GLY A 696 -21.14 -1.42 18.13
N ARG A 697 -21.33 -2.51 17.39
CA ARG A 697 -20.32 -3.06 16.48
C ARG A 697 -20.50 -2.56 15.07
N VAL A 698 -19.40 -2.46 14.33
CA VAL A 698 -19.43 -2.17 12.90
C VAL A 698 -20.23 -3.29 12.24
N ASP A 699 -21.15 -2.90 11.36
CA ASP A 699 -21.91 -3.90 10.60
C ASP A 699 -21.55 -3.84 9.11
N PRO A 700 -20.59 -4.69 8.68
CA PRO A 700 -20.20 -4.65 7.25
C PRO A 700 -21.13 -5.44 6.32
N THR A 701 -22.21 -6.00 6.85
CA THR A 701 -23.14 -6.77 6.02
C THR A 701 -24.17 -5.85 5.35
N VAL A 702 -24.15 -4.55 5.67
CA VAL A 702 -25.08 -3.59 5.07
C VAL A 702 -24.32 -2.59 4.24
N THR A 703 -24.70 -2.48 2.97
CA THR A 703 -24.17 -1.46 2.09
C THR A 703 -25.21 -0.36 1.85
N ALA A 704 -24.81 0.70 1.15
CA ALA A 704 -25.69 1.81 0.79
C ALA A 704 -25.41 2.22 -0.63
N ASN A 705 -26.41 2.83 -1.28
CA ASN A 705 -26.27 3.33 -2.65
C ASN A 705 -25.58 4.71 -2.77
N HIS A 706 -24.95 5.16 -1.68
CA HIS A 706 -24.09 6.34 -1.69
C HIS A 706 -22.80 6.00 -0.90
N PRO A 707 -21.71 6.78 -1.08
CA PRO A 707 -20.42 6.33 -0.55
C PRO A 707 -20.03 6.80 0.87
N ILE A 708 -20.73 7.80 1.42
CA ILE A 708 -20.35 8.44 2.69
C ILE A 708 -21.34 8.05 3.78
N TYR A 709 -21.09 6.89 4.37
CA TYR A 709 -22.02 6.27 5.32
C TYR A 709 -21.28 5.28 6.24
N ALA A 710 -21.97 4.84 7.30
CA ALA A 710 -21.60 3.68 8.10
C ALA A 710 -22.85 3.03 8.71
N VAL A 711 -22.79 1.72 8.93
CA VAL A 711 -23.88 1.00 9.61
C VAL A 711 -23.27 0.25 10.81
N PHE A 712 -23.86 0.49 11.97
CA PHE A 712 -23.49 -0.18 13.20
C PHE A 712 -24.64 -1.07 13.65
N ASN A 713 -24.33 -2.02 14.51
CA ASN A 713 -25.30 -2.97 15.00
C ASN A 713 -24.98 -3.26 16.47
N LYS A 714 -25.95 -2.93 17.33
CA LYS A 714 -25.89 -3.21 18.77
C LYS A 714 -27.02 -4.18 19.16
N ASN A 715 -26.67 -5.44 19.39
CA ASN A 715 -27.63 -6.49 19.76
C ASN A 715 -28.88 -6.55 18.84
N GLY A 716 -28.62 -6.54 17.53
CA GLY A 716 -29.67 -6.57 16.50
C GLY A 716 -30.27 -5.23 16.12
N ASN A 717 -29.90 -4.15 16.83
CA ASN A 717 -30.42 -2.80 16.54
C ASN A 717 -29.41 -1.99 15.74
N ARG A 718 -29.76 -1.70 14.50
CA ARG A 718 -28.89 -1.00 13.61
C ARG A 718 -29.03 0.51 13.73
N THR A 719 -27.88 1.18 13.73
CA THR A 719 -27.81 2.62 13.55
C THR A 719 -27.20 2.85 12.17
N TYR A 720 -27.85 3.73 11.41
CA TYR A 720 -27.43 4.09 10.06
C TYR A 720 -26.93 5.51 10.11
N ILE A 721 -25.70 5.74 9.63
CA ILE A 721 -25.10 7.07 9.60
C ILE A 721 -24.77 7.47 8.16
N VAL A 722 -25.21 8.66 7.74
CA VAL A 722 -24.84 9.22 6.45
C VAL A 722 -24.36 10.65 6.65
N TYR A 723 -23.28 11.02 5.97
CA TYR A 723 -22.95 12.41 5.80
C TYR A 723 -23.15 12.83 4.34
N ASN A 724 -23.87 13.94 4.18
CA ASN A 724 -24.24 14.50 2.88
C ASN A 724 -23.42 15.74 2.61
N PHE A 725 -22.52 15.66 1.62
CA PHE A 725 -21.63 16.77 1.23
C PHE A 725 -22.29 17.73 0.23
N SER A 726 -23.50 17.41 -0.21
CA SER A 726 -24.20 18.12 -1.28
C SER A 726 -24.95 19.35 -0.75
N ASP A 727 -25.21 20.32 -1.64
CA ASP A 727 -26.07 21.47 -1.37
C ASP A 727 -27.56 21.09 -1.31
N SER A 728 -27.90 19.93 -1.86
CA SER A 728 -29.28 19.41 -1.90
C SER A 728 -29.51 18.23 -0.95
N PRO A 729 -30.78 18.04 -0.50
CA PRO A 729 -31.03 16.85 0.32
C PRO A 729 -30.88 15.57 -0.52
N ILE A 730 -30.53 14.47 0.12
CA ILE A 730 -30.45 13.18 -0.58
C ILE A 730 -31.29 12.12 0.14
N THR A 731 -31.58 11.04 -0.59
CA THR A 731 -32.19 9.85 -0.01
C THR A 731 -31.25 8.68 -0.24
N VAL A 732 -30.94 7.96 0.84
CA VAL A 732 -29.99 6.86 0.78
C VAL A 732 -30.71 5.55 1.04
N GLN A 733 -30.55 4.61 0.11
CA GLN A 733 -31.09 3.25 0.21
C GLN A 733 -29.99 2.33 0.73
N PHE A 734 -30.30 1.63 1.82
CA PHE A 734 -29.43 0.60 2.38
C PHE A 734 -29.86 -0.80 1.94
N SER A 735 -28.91 -1.74 1.98
CA SER A 735 -29.11 -3.06 1.38
C SER A 735 -30.08 -3.97 2.17
N ASP A 736 -30.47 -3.55 3.37
CA ASP A 736 -31.41 -4.31 4.18
C ASP A 736 -32.83 -3.72 4.08
N GLY A 737 -33.04 -2.83 3.11
CA GLY A 737 -34.35 -2.23 2.87
C GLY A 737 -34.55 -0.87 3.54
N HIS A 738 -33.70 -0.53 4.51
CA HIS A 738 -33.77 0.78 5.18
C HIS A 738 -33.41 1.90 4.21
N SER A 739 -34.08 3.03 4.38
CA SER A 739 -33.79 4.23 3.60
C SER A 739 -33.93 5.48 4.48
N ILE A 740 -33.15 6.52 4.18
CA ILE A 740 -33.18 7.76 4.99
C ILE A 740 -33.00 9.01 4.13
N GLN A 741 -33.64 10.11 4.55
CA GLN A 741 -33.48 11.41 3.90
C GLN A 741 -32.41 12.15 4.67
N VAL A 742 -31.49 12.80 3.96
CA VAL A 742 -30.42 13.57 4.62
C VAL A 742 -30.40 14.99 4.07
N GLU A 743 -30.39 15.95 5.00
CA GLU A 743 -30.35 17.37 4.67
C GLU A 743 -28.99 17.78 4.11
N PRO A 744 -28.91 18.95 3.42
CA PRO A 744 -27.62 19.39 2.86
C PRO A 744 -26.55 19.56 3.94
N HIS A 745 -25.29 19.30 3.58
CA HIS A 745 -24.12 19.51 4.47
C HIS A 745 -24.33 19.07 5.91
N SER A 746 -24.84 17.86 6.10
CA SER A 746 -25.14 17.35 7.43
C SER A 746 -25.14 15.84 7.53
N PHE A 747 -25.04 15.36 8.77
CA PHE A 747 -25.33 13.99 9.16
C PHE A 747 -26.86 13.80 9.18
N ASN A 748 -27.34 12.57 8.97
CA ASN A 748 -28.77 12.27 9.13
C ASN A 748 -29.21 12.33 10.61
N ILE A 749 -28.31 11.89 11.50
CA ILE A 749 -28.49 11.83 12.95
C ILE A 749 -27.14 12.16 13.60
N GLY A 750 -27.18 12.77 14.79
CA GLY A 750 -25.97 13.19 15.49
C GLY A 750 -25.15 14.29 14.81
N ASN A 751 -25.83 15.37 14.41
CA ASN A 751 -25.14 16.60 13.99
C ASN A 751 -24.70 17.44 15.17
N GLY A 752 -25.40 17.30 16.30
CA GLY A 752 -25.08 17.98 17.54
C GLY A 752 -25.76 19.33 17.67
C2 BGC B . 15.63 3.98 7.31
C3 BGC B . 14.51 3.67 6.29
C4 BGC B . 15.11 3.67 4.87
C5 BGC B . 16.31 2.71 4.81
C6 BGC B . 17.02 2.74 3.47
C1 BGC B . 16.80 3.00 7.14
O1 BGC B . 17.87 3.34 8.02
O2 BGC B . 15.14 3.86 8.64
O3 BGC B . 13.46 4.65 6.45
O4 BGC B . 14.12 3.29 3.92
O5 BGC B . 17.29 3.07 5.81
O6 BGC B . 18.02 1.72 3.51
C2 BGC B . 11.15 5.19 6.92
C3 BGC B . 9.71 4.70 6.84
C4 BGC B . 9.42 4.16 5.43
C5 BGC B . 10.43 3.07 5.03
C6 BGC B . 10.22 2.57 3.60
C1 BGC B . 12.13 4.10 6.43
O2 BGC B . 11.42 5.59 8.27
O3 BGC B . 8.87 5.80 7.22
O4 BGC B . 8.06 3.71 5.29
O5 BGC B . 11.75 3.64 5.11
O6 BGC B . 11.37 1.82 3.22
C2 BGC C . 7.57 7.35 13.43
C3 BGC C . 7.28 7.32 14.94
C4 BGC C . 5.80 7.54 15.24
C5 BGC C . 4.92 6.62 14.36
C6 BGC C . 3.42 6.93 14.44
C1 BGC C . 6.65 6.40 12.68
O1 BGC C . 6.86 6.60 11.30
O2 BGC C . 8.93 6.99 13.22
O3 BGC C . 8.05 8.37 15.52
O4 BGC C . 5.59 7.26 16.62
O5 BGC C . 5.30 6.74 12.98
O6 BGC C . 3.17 8.24 13.92
C2 BGC C . 10.34 8.33 16.13
C3 BGC C . 11.30 8.09 17.28
C4 BGC C . 10.84 8.78 18.55
C5 BGC C . 9.40 8.40 18.92
C6 BGC C . 8.87 9.31 20.03
C1 BGC C . 8.93 7.91 16.53
O2 BGC C . 10.80 7.53 15.05
O3 BGC C . 12.60 8.59 16.91
O4 BGC C . 11.70 8.35 19.60
O5 BGC C . 8.50 8.44 17.80
O6 BGC C . 7.67 8.71 20.52
P PO4 D . -23.11 10.84 -4.73
O1 PO4 D . -22.72 9.74 -5.68
O2 PO4 D . -23.37 10.30 -3.34
O3 PO4 D . -24.35 11.50 -5.31
O4 PO4 D . -22.01 11.86 -4.64
P PO4 E . -14.87 -7.28 4.19
O1 PO4 E . -14.67 -8.76 3.89
O2 PO4 E . -15.81 -7.12 5.38
O3 PO4 E . -15.44 -6.59 2.96
O4 PO4 E . -13.54 -6.66 4.52
P PO4 F . 13.42 -35.06 -7.93
O1 PO4 F . 12.86 -36.42 -7.62
O2 PO4 F . 14.92 -35.10 -8.14
O3 PO4 F . 12.70 -34.57 -9.17
O4 PO4 F . 13.16 -34.15 -6.75
P PO4 G . -9.93 -10.60 2.49
O1 PO4 G . -10.74 -11.46 3.45
O2 PO4 G . -9.39 -11.38 1.29
O3 PO4 G . -10.82 -9.50 1.97
O4 PO4 G . -8.76 -10.05 3.25
P PO4 H . 29.98 -12.29 -30.33
O1 PO4 H . 30.23 -13.44 -31.26
O2 PO4 H . 29.31 -12.77 -29.06
O3 PO4 H . 29.10 -11.31 -31.07
O4 PO4 H . 31.28 -11.60 -29.97
P PO4 I . 16.69 -3.15 26.07
O1 PO4 I . 15.54 -3.43 25.13
O2 PO4 I . 17.52 -4.40 26.26
O3 PO4 I . 16.12 -2.74 27.42
O4 PO4 I . 17.57 -2.08 25.47
P PO4 J . -14.29 -12.86 12.42
O1 PO4 J . -14.33 -14.37 12.33
O2 PO4 J . -14.60 -12.29 11.06
O3 PO4 J . -15.28 -12.34 13.43
O4 PO4 J . -12.90 -12.47 12.82
P PO4 K . -17.90 9.89 31.43
O1 PO4 K . -19.34 9.95 30.93
O2 PO4 K . -17.07 9.00 30.55
O3 PO4 K . -17.87 9.35 32.85
O4 PO4 K . -17.29 11.27 31.42
C1 EDO L . -4.55 -19.04 2.23
O1 EDO L . -3.13 -19.28 2.08
C2 EDO L . -5.29 -20.35 2.02
O2 EDO L . -4.77 -21.35 2.93
C1 EDO M . 17.92 -13.81 11.02
O1 EDO M . 18.77 -14.94 11.17
C2 EDO M . 16.62 -14.15 11.72
O2 EDO M . 15.98 -13.00 12.26
C1 EDO N . 6.43 -5.38 -19.92
O1 EDO N . 6.68 -5.81 -21.26
C2 EDO N . 6.35 -6.65 -19.10
O2 EDO N . 5.25 -7.44 -19.58
C1 EDO O . 11.71 -29.28 2.64
O1 EDO O . 11.82 -28.20 1.72
C2 EDO O . 11.11 -30.45 1.91
O2 EDO O . 9.88 -29.97 1.38
C1 EDO P . 25.62 -13.12 -5.90
O1 EDO P . 26.48 -12.86 -7.03
C2 EDO P . 24.19 -13.42 -6.35
O2 EDO P . 23.47 -14.28 -5.45
C1 EDO Q . -13.81 -3.26 -15.16
O1 EDO Q . -13.58 -3.77 -16.46
C2 EDO Q . -13.78 -4.41 -14.14
O2 EDO Q . -14.73 -5.41 -14.52
C1 EDO R . 6.34 7.98 8.35
O1 EDO R . 6.72 8.55 7.08
C2 EDO R . 5.42 6.77 8.18
O2 EDO R . 4.55 6.60 9.34
C1 EDO S . -12.96 10.59 15.17
O1 EDO S . -14.12 10.91 14.38
C2 EDO S . -13.37 9.78 16.39
O2 EDO S . -13.66 10.61 17.53
C1 EDO T . 16.52 -9.58 -26.80
O1 EDO T . 15.30 -9.42 -27.54
C2 EDO T . 16.78 -8.32 -25.99
O2 EDO T . 17.12 -7.23 -26.86
#